data_9CBK
#
_entry.id   9CBK
#
_cell.length_a   74.701
_cell.length_b   91.481
_cell.length_c   96.370
_cell.angle_alpha   90.000
_cell.angle_beta   90.000
_cell.angle_gamma   90.000
#
_symmetry.space_group_name_H-M   'P 21 21 21'
#
loop_
_entity.id
_entity.type
_entity.pdbx_description
1 polymer 'Hdac6 protein'
2 non-polymer 1-[4-(aminomethyl)phenyl]-2-sulfanylethan-1-one
3 non-polymer 1,2-ETHANEDIOL
4 non-polymer 'ZINC ION'
5 non-polymer 'POTASSIUM ION'
6 water water
#
_entity_poly.entity_id   1
_entity_poly.type   'polypeptide(L)'
_entity_poly.pdbx_seq_one_letter_code
;SNAGGSSPITGLVYDQRMMLHHNMWDSHHPELPQRISRIFSRHEELRLLSRCHRIPARLATEEELALCHSSKHISIIKSS
EHMKPRDLNRLGDEYNSIFISNESYTCALLAAGSCFNSAQAILTGQVRNAVAIVRPPGHHAEKDTACGFCFFNTAALTAR
YAQSITRESLRVLIVDWDVHHGNGTQHIFEEDDSVLYISLHRYEDGAFFPNSEDANYDKVGLGKGRGYNVNIPWNGGKMG
DPEYMAAFHHLVMPIAREFAPELVLVSAGFDAARGDPLGGFQVTPEGYAHLTHQLMSLAAGRVLIILEGGYNLTSISESM
SMCTSMLLGDSPPSLDHLTPLKTSATVSINNVLRAHAPFWSSLR
;
_entity_poly.pdbx_strand_id   A,B
#
# COMPACT_ATOMS: atom_id res chain seq x y z
N PRO A 8 -17.74 -0.43 23.59
CA PRO A 8 -18.19 0.29 22.38
C PRO A 8 -17.79 -0.44 21.09
N ILE A 9 -18.66 -0.45 20.10
CA ILE A 9 -18.45 -1.16 18.83
C ILE A 9 -18.30 -0.13 17.71
N THR A 10 -17.32 -0.36 16.81
CA THR A 10 -17.11 0.47 15.62
C THR A 10 -17.56 -0.31 14.39
N GLY A 11 -18.44 0.29 13.59
CA GLY A 11 -18.88 -0.33 12.35
C GLY A 11 -17.93 -0.02 11.19
N LEU A 12 -17.93 -0.91 10.21
CA LEU A 12 -17.15 -0.67 9.00
C LEU A 12 -17.96 -1.19 7.81
N VAL A 13 -18.08 -0.36 6.78
CA VAL A 13 -18.71 -0.78 5.55
C VAL A 13 -17.70 -0.67 4.42
N TYR A 14 -17.61 -1.74 3.62
CA TYR A 14 -16.77 -1.77 2.44
C TYR A 14 -17.41 -2.81 1.53
N ASP A 15 -17.51 -2.50 0.24
CA ASP A 15 -18.04 -3.48 -0.70
C ASP A 15 -17.26 -3.36 -2.00
N GLN A 16 -16.63 -4.47 -2.41
CA GLN A 16 -15.80 -4.46 -3.62
C GLN A 16 -16.58 -4.04 -4.86
N ARG A 17 -17.91 -4.16 -4.86
CA ARG A 17 -18.67 -3.75 -6.03
C ARG A 17 -18.44 -2.27 -6.39
N MET A 18 -18.12 -1.43 -5.41
CA MET A 18 -17.87 -0.03 -5.70
C MET A 18 -16.59 0.19 -6.50
N MET A 19 -15.75 -0.84 -6.67
CA MET A 19 -14.61 -0.74 -7.58
C MET A 19 -15.00 -0.75 -9.03
N LEU A 20 -16.25 -1.10 -9.36
CA LEU A 20 -16.63 -1.27 -10.76
C LEU A 20 -16.75 0.04 -11.53
N HIS A 21 -17.00 1.15 -10.86
CA HIS A 21 -16.97 2.46 -11.48
C HIS A 21 -15.55 2.74 -11.97
N HIS A 22 -15.38 3.00 -13.27
CA HIS A 22 -14.03 3.16 -13.80
C HIS A 22 -14.04 4.09 -14.99
N ASN A 23 -12.84 4.56 -15.36
CA ASN A 23 -12.65 5.51 -16.44
C ASN A 23 -12.18 4.71 -17.65
N MET A 24 -13.06 4.58 -18.65
CA MET A 24 -12.78 3.71 -19.78
C MET A 24 -11.70 4.29 -20.68
N TRP A 25 -11.48 5.59 -20.65
CA TRP A 25 -10.51 6.23 -21.54
C TRP A 25 -9.17 6.48 -20.88
N ASP A 26 -9.15 6.67 -19.56
CA ASP A 26 -7.93 6.99 -18.81
C ASP A 26 -7.95 6.08 -17.59
N SER A 27 -7.41 4.88 -17.74
CA SER A 27 -7.42 3.92 -16.66
C SER A 27 -6.52 4.34 -15.49
N HIS A 28 -5.71 5.37 -15.66
CA HIS A 28 -4.85 5.90 -14.60
C HIS A 28 -5.40 7.17 -13.97
N HIS A 29 -6.64 7.51 -14.27
CA HIS A 29 -7.27 8.65 -13.62
C HIS A 29 -7.18 8.49 -12.10
N PRO A 30 -6.87 9.55 -11.36
CA PRO A 30 -6.54 9.39 -9.94
C PRO A 30 -7.67 8.82 -9.08
N GLU A 31 -8.94 8.97 -9.46
CA GLU A 31 -10.05 8.42 -8.67
C GLU A 31 -10.22 6.94 -9.04
N LEU A 32 -9.27 6.13 -8.54
CA LEU A 32 -9.07 4.74 -8.95
C LEU A 32 -9.95 3.77 -8.17
N PRO A 33 -10.37 2.70 -8.83
CA PRO A 33 -11.07 1.61 -8.10
C PRO A 33 -10.31 1.14 -6.88
N GLN A 34 -8.98 1.03 -6.99
CA GLN A 34 -8.22 0.49 -5.88
C GLN A 34 -8.06 1.45 -4.71
N ARG A 35 -8.58 2.69 -4.80
CA ARG A 35 -8.58 3.53 -3.60
C ARG A 35 -9.25 2.80 -2.45
N ILE A 36 -10.39 2.18 -2.73
CA ILE A 36 -11.12 1.55 -1.62
C ILE A 36 -10.52 0.20 -1.22
N SER A 37 -10.09 -0.61 -2.20
CA SER A 37 -9.50 -1.89 -1.80
C SER A 37 -8.19 -1.71 -1.05
N ARG A 38 -7.43 -0.66 -1.36
CA ARG A 38 -6.20 -0.42 -0.62
C ARG A 38 -6.45 0.01 0.81
N ILE A 39 -7.46 0.87 1.02
CA ILE A 39 -7.80 1.23 2.39
C ILE A 39 -8.26 0.01 3.17
N PHE A 40 -9.13 -0.80 2.56
CA PHE A 40 -9.60 -2.03 3.20
C PHE A 40 -8.43 -2.95 3.54
N SER A 41 -7.50 -3.13 2.61
CA SER A 41 -6.34 -3.98 2.85
C SER A 41 -5.53 -3.49 4.04
N ARG A 42 -5.34 -2.18 4.13
CA ARG A 42 -4.52 -1.67 5.22
C ARG A 42 -5.21 -1.91 6.56
N HIS A 43 -6.54 -1.82 6.59
CA HIS A 43 -7.28 -2.18 7.80
C HIS A 43 -7.03 -3.63 8.18
N GLU A 44 -7.02 -4.53 7.19
CA GLU A 44 -6.74 -5.95 7.46
C GLU A 44 -5.31 -6.12 8.00
N GLU A 45 -4.35 -5.48 7.32
CA GLU A 45 -2.93 -5.60 7.64
C GLU A 45 -2.62 -5.16 9.05
N LEU A 46 -3.28 -4.10 9.51
CA LEU A 46 -3.10 -3.54 10.84
C LEU A 46 -4.01 -4.21 11.88
N ARG A 47 -4.78 -5.24 11.47
CA ARG A 47 -5.66 -5.98 12.37
C ARG A 47 -6.78 -5.12 12.93
N LEU A 48 -7.15 -4.07 12.20
CA LEU A 48 -8.28 -3.25 12.59
C LEU A 48 -9.60 -3.84 12.11
N LEU A 49 -9.59 -4.52 10.96
CA LEU A 49 -10.83 -5.00 10.38
C LEU A 49 -11.54 -5.96 11.33
N SER A 50 -10.81 -6.91 11.91
CA SER A 50 -11.47 -7.87 12.79
C SER A 50 -11.95 -7.24 14.09
N ARG A 51 -11.51 -6.02 14.40
CA ARG A 51 -12.00 -5.33 15.59
C ARG A 51 -13.27 -4.55 15.33
N CYS A 52 -13.69 -4.45 14.07
CA CYS A 52 -14.90 -3.74 13.70
C CYS A 52 -16.05 -4.71 13.44
N HIS A 53 -17.27 -4.18 13.54
CA HIS A 53 -18.45 -4.92 13.14
C HIS A 53 -18.78 -4.55 11.70
N ARG A 54 -18.82 -5.54 10.82
CA ARG A 54 -19.10 -5.28 9.41
C ARG A 54 -20.56 -4.93 9.21
N ILE A 55 -20.79 -3.78 8.58
CA ILE A 55 -22.14 -3.32 8.22
C ILE A 55 -22.30 -3.54 6.72
N PRO A 56 -23.40 -4.13 6.26
CA PRO A 56 -23.53 -4.41 4.83
C PRO A 56 -23.79 -3.15 4.01
N ALA A 57 -23.32 -3.18 2.77
CA ALA A 57 -23.69 -2.14 1.80
C ALA A 57 -25.09 -2.44 1.28
N ARG A 58 -25.77 -1.39 0.81
CA ARG A 58 -27.02 -1.57 0.08
C ARG A 58 -27.13 -0.44 -0.91
N LEU A 59 -28.04 -0.61 -1.87
CA LEU A 59 -28.36 0.46 -2.80
C LEU A 59 -29.24 1.50 -2.12
N ALA A 60 -28.92 2.78 -2.31
CA ALA A 60 -29.88 3.82 -2.02
C ALA A 60 -31.05 3.70 -2.99
N THR A 61 -32.25 4.07 -2.52
CA THR A 61 -33.39 4.12 -3.45
C THR A 61 -33.47 5.50 -4.11
N GLU A 62 -34.22 5.56 -5.22
CA GLU A 62 -34.46 6.85 -5.87
C GLU A 62 -35.16 7.83 -4.95
N GLU A 63 -36.09 7.35 -4.12
CA GLU A 63 -36.73 8.22 -3.14
C GLU A 63 -35.71 8.81 -2.18
N GLU A 64 -34.75 7.98 -1.73
CA GLU A 64 -33.67 8.50 -0.88
C GLU A 64 -32.82 9.53 -1.62
N LEU A 65 -32.49 9.28 -2.88
CA LEU A 65 -31.72 10.27 -3.65
C LEU A 65 -32.44 11.61 -3.69
N ALA A 66 -33.78 11.60 -3.78
CA ALA A 66 -34.58 12.82 -3.86
C ALA A 66 -34.58 13.61 -2.57
N LEU A 67 -34.03 13.05 -1.48
CA LEU A 67 -33.84 13.86 -0.28
C LEU A 67 -32.98 15.09 -0.57
N CYS A 68 -32.04 14.99 -1.51
CA CYS A 68 -31.15 16.10 -1.83
C CYS A 68 -31.05 16.43 -3.31
N HIS A 69 -31.47 15.55 -4.21
CA HIS A 69 -31.19 15.75 -5.62
C HIS A 69 -32.47 15.91 -6.43
N SER A 70 -32.36 16.68 -7.53
CA SER A 70 -33.50 16.90 -8.42
C SER A 70 -33.86 15.62 -9.16
N SER A 71 -35.13 15.52 -9.54
CA SER A 71 -35.54 14.34 -10.30
C SER A 71 -34.81 14.25 -11.64
N LYS A 72 -34.53 15.40 -12.26
CA LYS A 72 -33.83 15.39 -13.54
C LYS A 72 -32.43 14.80 -13.40
N HIS A 73 -31.67 15.27 -12.41
CA HIS A 73 -30.32 14.78 -12.22
C HIS A 73 -30.31 13.28 -11.92
N ILE A 74 -31.20 12.83 -11.03
CA ILE A 74 -31.32 11.40 -10.75
C ILE A 74 -31.57 10.63 -12.05
N SER A 75 -32.48 11.14 -12.89
CA SER A 75 -32.86 10.41 -14.09
C SER A 75 -31.71 10.33 -15.09
N ILE A 76 -30.91 11.39 -15.19
CA ILE A 76 -29.81 11.41 -16.15
C ILE A 76 -28.74 10.42 -15.73
N ILE A 77 -28.32 10.46 -14.48
CA ILE A 77 -27.29 9.51 -14.05
C ILE A 77 -27.82 8.08 -14.13
N LYS A 78 -29.08 7.87 -13.76
CA LYS A 78 -29.68 6.54 -13.89
C LYS A 78 -29.65 6.07 -15.33
N SER A 79 -29.94 6.98 -16.27
CA SER A 79 -29.95 6.61 -17.70
C SER A 79 -28.57 6.18 -18.17
N SER A 80 -27.49 6.61 -17.50
CA SER A 80 -26.16 6.27 -17.99
C SER A 80 -25.88 4.77 -17.89
N GLU A 81 -26.61 4.05 -17.05
CA GLU A 81 -26.39 2.62 -16.92
C GLU A 81 -26.56 1.89 -18.25
N HIS A 82 -27.37 2.45 -19.16
CA HIS A 82 -27.68 1.80 -20.44
C HIS A 82 -26.96 2.42 -21.62
N MET A 83 -26.07 3.38 -21.39
CA MET A 83 -25.46 4.10 -22.50
C MET A 83 -24.29 3.34 -23.09
N LYS A 84 -24.13 3.50 -24.40
CA LYS A 84 -22.93 3.04 -25.07
C LYS A 84 -21.78 4.00 -24.76
N PRO A 85 -20.54 3.53 -24.91
CA PRO A 85 -19.38 4.41 -24.64
C PRO A 85 -19.47 5.80 -25.22
N ARG A 86 -19.92 5.96 -26.47
CA ARG A 86 -19.99 7.30 -27.05
C ARG A 86 -20.91 8.20 -26.25
N ASP A 87 -22.00 7.66 -25.75
CA ASP A 87 -22.96 8.47 -24.95
C ASP A 87 -22.36 8.71 -23.55
N LEU A 88 -21.70 7.70 -23.03
CA LEU A 88 -21.05 7.86 -21.73
C LEU A 88 -20.00 8.95 -21.77
N ASN A 89 -19.17 8.96 -22.82
CA ASN A 89 -18.12 9.97 -22.92
C ASN A 89 -18.72 11.37 -23.07
N ARG A 90 -19.71 11.51 -23.97
CA ARG A 90 -20.32 12.82 -24.19
C ARG A 90 -21.01 13.32 -22.93
N LEU A 91 -21.70 12.42 -22.21
CA LEU A 91 -22.42 12.85 -21.01
C LEU A 91 -21.43 13.32 -19.94
N GLY A 92 -20.38 12.53 -19.70
CA GLY A 92 -19.40 12.92 -18.70
C GLY A 92 -18.75 14.26 -19.03
N ASP A 93 -18.52 14.52 -20.32
CA ASP A 93 -17.91 15.80 -20.68
C ASP A 93 -18.84 16.99 -20.50
N GLU A 94 -20.14 16.77 -20.27
CA GLU A 94 -21.07 17.84 -19.94
C GLU A 94 -20.84 18.39 -18.53
N TYR A 95 -20.20 17.62 -17.64
CA TYR A 95 -19.96 18.08 -16.28
C TYR A 95 -18.51 18.50 -16.09
N ASN A 96 -18.25 19.17 -14.98
CA ASN A 96 -16.89 19.52 -14.59
C ASN A 96 -16.26 18.32 -13.91
N SER A 97 -15.27 17.71 -14.58
CA SER A 97 -14.44 16.64 -14.02
C SER A 97 -15.25 15.39 -13.62
N ILE A 98 -15.86 14.76 -14.62
CA ILE A 98 -16.63 13.54 -14.41
C ILE A 98 -16.29 12.52 -15.48
N PHE A 99 -16.07 11.26 -15.06
CA PHE A 99 -16.08 10.14 -15.98
C PHE A 99 -17.17 9.17 -15.52
N ILE A 100 -17.75 8.46 -16.48
CA ILE A 100 -18.90 7.60 -16.24
C ILE A 100 -18.67 6.29 -16.98
N SER A 101 -18.96 5.18 -16.31
CA SER A 101 -19.07 3.87 -16.93
C SER A 101 -20.48 3.34 -16.63
N ASN A 102 -20.80 2.18 -17.23
CA ASN A 102 -22.15 1.65 -17.04
C ASN A 102 -22.44 1.28 -15.60
N GLU A 103 -21.39 1.10 -14.78
CA GLU A 103 -21.53 0.73 -13.37
C GLU A 103 -21.51 1.93 -12.42
N SER A 104 -21.27 3.14 -12.94
CA SER A 104 -21.16 4.33 -12.08
C SER A 104 -22.41 4.56 -11.24
N TYR A 105 -23.59 4.51 -11.87
CA TYR A 105 -24.82 4.77 -11.13
C TYR A 105 -24.96 3.79 -9.96
N THR A 106 -24.84 2.49 -10.22
CA THR A 106 -24.88 1.49 -9.17
C THR A 106 -23.87 1.80 -8.06
N CYS A 107 -22.65 2.19 -8.44
CA CYS A 107 -21.63 2.41 -7.42
C CYS A 107 -21.98 3.61 -6.57
N ALA A 108 -22.51 4.66 -7.18
CA ALA A 108 -22.93 5.83 -6.42
C ALA A 108 -24.09 5.49 -5.48
N LEU A 109 -25.03 4.66 -5.94
CA LEU A 109 -26.11 4.19 -5.06
C LEU A 109 -25.57 3.37 -3.89
N LEU A 110 -24.57 2.52 -4.15
CA LEU A 110 -24.00 1.72 -3.07
C LEU A 110 -23.24 2.59 -2.08
N ALA A 111 -22.56 3.64 -2.56
CA ALA A 111 -21.83 4.48 -1.63
C ALA A 111 -22.80 5.16 -0.67
N ALA A 112 -23.92 5.65 -1.22
CA ALA A 112 -24.92 6.29 -0.38
C ALA A 112 -25.58 5.28 0.55
N GLY A 113 -26.05 4.15 0.00
CA GLY A 113 -26.74 3.16 0.83
C GLY A 113 -25.87 2.60 1.95
N SER A 114 -24.58 2.42 1.67
CA SER A 114 -23.65 2.00 2.71
C SER A 114 -23.63 2.99 3.86
N CYS A 115 -23.64 4.28 3.54
CA CYS A 115 -23.63 5.28 4.58
C CYS A 115 -24.96 5.37 5.32
N PHE A 116 -26.08 5.14 4.64
CA PHE A 116 -27.36 5.11 5.33
C PHE A 116 -27.39 3.98 6.33
N ASN A 117 -26.96 2.78 5.91
CA ASN A 117 -26.92 1.66 6.84
C ASN A 117 -26.01 1.96 8.03
N SER A 118 -24.89 2.64 7.78
CA SER A 118 -23.97 2.96 8.85
C SER A 118 -24.58 3.99 9.80
N ALA A 119 -25.24 5.02 9.25
CA ALA A 119 -25.89 5.99 10.11
C ALA A 119 -27.00 5.36 10.92
N GLN A 120 -27.78 4.47 10.29
CA GLN A 120 -28.81 3.72 11.01
C GLN A 120 -28.22 2.92 12.17
N ALA A 121 -27.08 2.24 11.94
CA ALA A 121 -26.48 1.45 13.01
C ALA A 121 -26.04 2.35 14.17
N ILE A 122 -25.50 3.53 13.86
CA ILE A 122 -25.12 4.47 14.90
C ILE A 122 -26.34 4.99 15.64
N LEU A 123 -27.37 5.37 14.91
CA LEU A 123 -28.50 6.04 15.53
C LEU A 123 -29.40 5.10 16.32
N THR A 124 -29.34 3.81 16.02
CA THR A 124 -30.08 2.81 16.80
C THR A 124 -29.23 2.22 17.91
N GLY A 125 -27.98 2.62 18.04
CA GLY A 125 -27.12 2.13 19.09
C GLY A 125 -26.50 0.77 18.84
N GLN A 126 -26.58 0.24 17.62
CA GLN A 126 -25.92 -1.02 17.31
C GLN A 126 -24.41 -0.89 17.31
N VAL A 127 -23.90 0.28 16.89
CA VAL A 127 -22.49 0.62 16.99
C VAL A 127 -22.40 2.04 17.54
N ARG A 128 -21.24 2.37 18.12
CA ARG A 128 -21.03 3.71 18.64
C ARG A 128 -20.66 4.68 17.52
N ASN A 129 -19.90 4.20 16.55
CA ASN A 129 -19.35 5.02 15.49
C ASN A 129 -19.05 4.09 14.33
N ALA A 130 -18.61 4.64 13.19
CA ALA A 130 -18.43 3.80 12.02
C ALA A 130 -17.57 4.51 10.98
N VAL A 131 -17.01 3.70 10.07
CA VAL A 131 -16.22 4.18 8.94
C VAL A 131 -16.77 3.57 7.66
N ALA A 132 -16.85 4.37 6.59
CA ALA A 132 -17.43 3.95 5.32
C ALA A 132 -16.37 4.13 4.24
N ILE A 133 -15.90 3.02 3.70
CA ILE A 133 -14.84 2.99 2.70
C ILE A 133 -15.57 2.88 1.37
N VAL A 134 -15.95 4.04 0.82
CA VAL A 134 -16.86 4.11 -0.33
C VAL A 134 -16.25 4.96 -1.44
N ARG A 135 -16.66 4.66 -2.67
CA ARG A 135 -16.43 5.50 -3.82
C ARG A 135 -17.55 5.21 -4.82
N PRO A 136 -17.81 6.12 -5.78
CA PRO A 136 -17.21 7.47 -5.97
C PRO A 136 -17.53 8.39 -4.81
N PRO A 137 -16.76 9.46 -4.68
CA PRO A 137 -17.03 10.46 -3.62
C PRO A 137 -18.31 11.27 -3.83
N GLY A 138 -18.64 12.16 -2.89
CA GLY A 138 -19.92 12.83 -2.95
C GLY A 138 -19.92 14.35 -2.83
N HIS A 139 -18.91 14.96 -2.20
CA HIS A 139 -19.15 16.32 -1.66
C HIS A 139 -19.24 17.41 -2.72
N HIS A 140 -18.76 17.19 -3.94
CA HIS A 140 -18.92 18.18 -5.01
C HIS A 140 -20.24 18.06 -5.74
N ALA A 141 -20.99 16.97 -5.53
CA ALA A 141 -22.26 16.81 -6.24
C ALA A 141 -23.29 17.82 -5.72
N GLU A 142 -23.99 18.45 -6.66
CA GLU A 142 -24.99 19.47 -6.33
C GLU A 142 -26.38 18.86 -6.43
N LYS A 143 -27.39 19.63 -5.96
CA LYS A 143 -28.76 19.16 -6.12
C LYS A 143 -29.01 18.65 -7.54
N ASP A 144 -28.56 19.42 -8.54
CA ASP A 144 -28.98 19.23 -9.92
C ASP A 144 -27.83 18.81 -10.85
N THR A 145 -26.64 18.52 -10.34
CA THR A 145 -25.58 18.17 -11.27
C THR A 145 -24.45 17.38 -10.58
N ALA A 146 -23.73 16.60 -11.38
CA ALA A 146 -22.53 15.90 -10.93
C ALA A 146 -21.33 16.83 -11.11
N CYS A 147 -20.28 16.60 -10.32
CA CYS A 147 -19.13 17.49 -10.38
C CYS A 147 -17.96 16.88 -9.61
N GLY A 148 -16.74 17.06 -10.11
CA GLY A 148 -15.57 16.75 -9.31
C GLY A 148 -15.49 15.32 -8.84
N PHE A 149 -15.77 14.36 -9.73
CA PHE A 149 -15.70 12.92 -9.49
C PHE A 149 -16.91 12.41 -8.69
N CYS A 150 -17.87 13.28 -8.37
CA CYS A 150 -19.00 12.96 -7.49
C CYS A 150 -20.31 12.98 -8.26
N PHE A 151 -21.15 11.97 -8.05
CA PHE A 151 -22.45 11.92 -8.70
C PHE A 151 -23.59 12.35 -7.79
N PHE A 152 -23.66 11.76 -6.60
CA PHE A 152 -24.66 12.12 -5.60
C PHE A 152 -23.93 12.46 -4.31
N ASN A 153 -24.52 13.36 -3.53
CA ASN A 153 -23.81 13.89 -2.37
C ASN A 153 -24.09 12.97 -1.18
N THR A 154 -23.23 11.96 -1.05
CA THR A 154 -23.41 10.91 -0.07
C THR A 154 -23.56 11.46 1.35
N ALA A 155 -22.67 12.36 1.77
CA ALA A 155 -22.76 12.92 3.12
C ALA A 155 -24.04 13.73 3.32
N ALA A 156 -24.41 14.57 2.34
CA ALA A 156 -25.65 15.33 2.48
C ALA A 156 -26.85 14.41 2.56
N LEU A 157 -26.90 13.40 1.67
CA LEU A 157 -27.97 12.42 1.69
C LEU A 157 -28.03 11.71 3.04
N THR A 158 -26.88 11.35 3.62
CA THR A 158 -26.85 10.65 4.90
C THR A 158 -27.40 11.52 6.03
N ALA A 159 -27.09 12.82 6.01
CA ALA A 159 -27.70 13.73 6.98
C ALA A 159 -29.22 13.73 6.89
N ARG A 160 -29.76 13.83 5.68
CA ARG A 160 -31.22 13.83 5.53
C ARG A 160 -31.82 12.47 5.85
N TYR A 161 -31.11 11.39 5.48
CA TYR A 161 -31.59 10.06 5.84
C TYR A 161 -31.64 9.92 7.36
N ALA A 162 -30.58 10.38 8.03
CA ALA A 162 -30.54 10.33 9.50
C ALA A 162 -31.76 11.04 10.09
N GLN A 163 -32.09 12.22 9.55
CA GLN A 163 -33.27 12.95 10.01
C GLN A 163 -34.54 12.16 9.76
N SER A 164 -34.60 11.45 8.63
CA SER A 164 -35.83 10.75 8.26
C SER A 164 -36.12 9.58 9.20
N ILE A 165 -35.11 9.04 9.88
CA ILE A 165 -35.30 7.91 10.79
C ILE A 165 -35.25 8.31 12.26
N THR A 166 -35.10 9.61 12.54
CA THR A 166 -35.11 10.11 13.91
C THR A 166 -36.17 11.19 14.01
N ARG A 167 -35.77 12.46 13.93
CA ARG A 167 -36.73 13.55 13.79
C ARG A 167 -36.19 14.56 12.78
N GLU A 168 -37.11 15.30 12.16
CA GLU A 168 -36.73 16.13 11.04
C GLU A 168 -35.63 17.12 11.40
N SER A 169 -35.65 17.63 12.63
CA SER A 169 -34.70 18.64 13.07
C SER A 169 -33.46 18.07 13.77
N LEU A 170 -33.19 16.78 13.61
CA LEU A 170 -31.97 16.23 14.22
C LEU A 170 -30.75 17.06 13.82
N ARG A 171 -29.96 17.47 14.80
CA ARG A 171 -28.81 18.32 14.54
C ARG A 171 -27.67 17.47 14.03
N VAL A 172 -27.31 17.66 12.76
CA VAL A 172 -26.21 16.95 12.13
C VAL A 172 -25.08 17.93 11.85
N LEU A 173 -23.90 17.59 12.32
CA LEU A 173 -22.68 18.32 11.95
C LEU A 173 -21.98 17.56 10.83
N ILE A 174 -21.63 18.27 9.75
CA ILE A 174 -20.79 17.71 8.70
C ILE A 174 -19.48 18.47 8.73
N VAL A 175 -18.39 17.76 9.05
CA VAL A 175 -17.05 18.32 8.96
C VAL A 175 -16.41 17.78 7.68
N ASP A 176 -16.03 18.67 6.76
CA ASP A 176 -15.48 18.26 5.47
C ASP A 176 -14.01 18.66 5.48
N TRP A 177 -13.12 17.67 5.69
CA TRP A 177 -11.69 17.94 5.72
C TRP A 177 -10.97 17.51 4.46
N ASP A 178 -11.71 17.08 3.43
CA ASP A 178 -11.13 16.94 2.10
C ASP A 178 -10.48 18.27 1.73
N VAL A 179 -9.40 18.21 0.95
CA VAL A 179 -8.68 19.45 0.68
C VAL A 179 -9.50 20.43 -0.16
N HIS A 180 -10.53 19.94 -0.85
CA HIS A 180 -11.40 20.77 -1.69
C HIS A 180 -12.67 21.16 -0.95
N HIS A 181 -13.15 22.36 -1.25
CA HIS A 181 -14.41 22.80 -0.68
C HIS A 181 -15.53 21.90 -1.18
N GLY A 182 -16.41 21.47 -0.27
CA GLY A 182 -17.57 20.73 -0.70
C GLY A 182 -18.70 21.66 -1.15
N ASN A 183 -18.58 22.16 -2.38
CA ASN A 183 -19.54 23.12 -2.89
C ASN A 183 -20.96 22.57 -2.83
N GLY A 184 -21.12 21.28 -3.15
CA GLY A 184 -22.45 20.70 -3.17
C GLY A 184 -23.06 20.65 -1.78
N THR A 185 -22.27 20.26 -0.79
CA THR A 185 -22.79 20.17 0.57
C THR A 185 -23.16 21.55 1.09
N GLN A 186 -22.28 22.54 0.87
CA GLN A 186 -22.62 23.90 1.28
C GLN A 186 -23.94 24.35 0.66
N HIS A 187 -24.09 24.14 -0.64
CA HIS A 187 -25.29 24.65 -1.31
C HIS A 187 -26.54 23.92 -0.83
N ILE A 188 -26.44 22.60 -0.63
CA ILE A 188 -27.60 21.82 -0.24
C ILE A 188 -28.16 22.30 1.09
N PHE A 189 -27.28 22.66 2.01
CA PHE A 189 -27.71 23.03 3.35
C PHE A 189 -27.60 24.52 3.62
N GLU A 190 -27.42 25.34 2.58
CA GLU A 190 -27.05 26.73 2.81
C GLU A 190 -28.13 27.48 3.57
N GLU A 191 -29.40 27.08 3.41
CA GLU A 191 -30.51 27.72 4.11
C GLU A 191 -31.03 26.90 5.27
N ASP A 192 -30.22 25.99 5.79
CA ASP A 192 -30.68 25.01 6.76
C ASP A 192 -29.91 25.19 8.06
N ASP A 193 -30.63 25.35 9.18
CA ASP A 193 -29.97 25.45 10.48
C ASP A 193 -29.92 24.13 11.24
N SER A 194 -30.44 23.04 10.65
CA SER A 194 -30.37 21.73 11.29
C SER A 194 -29.11 20.97 10.91
N VAL A 195 -28.43 21.38 9.85
CA VAL A 195 -27.19 20.75 9.39
C VAL A 195 -26.14 21.84 9.36
N LEU A 196 -25.18 21.75 10.27
CA LEU A 196 -24.05 22.67 10.33
C LEU A 196 -22.96 22.11 9.44
N TYR A 197 -22.53 22.88 8.44
CA TYR A 197 -21.48 22.49 7.51
C TYR A 197 -20.21 23.25 7.86
N ILE A 198 -19.13 22.53 8.15
CA ILE A 198 -17.83 23.13 8.41
C ILE A 198 -16.86 22.52 7.44
N SER A 199 -16.26 23.34 6.57
CA SER A 199 -15.28 22.85 5.62
C SER A 199 -13.96 23.56 5.86
N LEU A 200 -12.87 22.79 5.83
CA LEU A 200 -11.52 23.33 5.71
C LEU A 200 -11.04 22.98 4.31
N HIS A 201 -10.37 23.93 3.65
CA HIS A 201 -10.03 23.62 2.26
C HIS A 201 -8.98 24.58 1.74
N ARG A 202 -8.18 24.07 0.81
CA ARG A 202 -7.27 24.94 0.07
C ARG A 202 -8.09 25.82 -0.86
N TYR A 203 -7.88 27.13 -0.76
CA TYR A 203 -8.70 28.11 -1.46
C TYR A 203 -7.89 28.93 -2.46
N GLU A 204 -6.76 29.49 -2.03
CA GLU A 204 -5.90 30.29 -2.91
C GLU A 204 -6.69 31.42 -3.60
N ASP A 205 -7.50 32.13 -2.82
CA ASP A 205 -8.24 33.28 -3.34
C ASP A 205 -9.13 32.89 -4.52
N GLY A 206 -9.67 31.67 -4.46
CA GLY A 206 -10.57 31.18 -5.49
C GLY A 206 -9.90 30.49 -6.65
N ALA A 207 -8.58 30.30 -6.62
CA ALA A 207 -7.91 29.70 -7.76
C ALA A 207 -7.93 28.17 -7.74
N PHE A 208 -8.16 27.57 -6.58
CA PHE A 208 -8.07 26.12 -6.44
C PHE A 208 -9.45 25.50 -6.65
N PHE A 209 -9.47 24.30 -7.25
CA PHE A 209 -10.74 23.60 -7.46
C PHE A 209 -11.54 23.54 -6.17
N PRO A 210 -12.86 23.81 -6.22
CA PRO A 210 -13.71 24.00 -7.41
C PRO A 210 -13.80 25.44 -7.98
N ASN A 211 -12.87 26.33 -7.64
CA ASN A 211 -12.65 27.59 -8.38
C ASN A 211 -13.77 28.60 -8.17
N SER A 212 -14.32 28.65 -6.96
CA SER A 212 -15.44 29.55 -6.68
C SER A 212 -15.22 30.31 -5.37
N GLU A 213 -15.57 31.59 -5.39
CA GLU A 213 -15.52 32.35 -4.15
C GLU A 213 -16.62 31.95 -3.16
N ASP A 214 -17.51 31.02 -3.53
CA ASP A 214 -18.45 30.45 -2.57
C ASP A 214 -17.74 29.80 -1.40
N ALA A 215 -16.47 29.45 -1.57
CA ALA A 215 -15.69 28.79 -0.53
C ALA A 215 -15.05 29.76 0.46
N ASN A 216 -15.23 31.07 0.29
CA ASN A 216 -14.53 32.00 1.17
C ASN A 216 -15.21 32.08 2.54
N TYR A 217 -14.48 32.64 3.51
CA TYR A 217 -14.92 32.68 4.90
C TYR A 217 -16.17 33.53 5.11
N ASP A 218 -16.47 34.44 4.18
CA ASP A 218 -17.62 35.32 4.38
C ASP A 218 -18.93 34.68 3.94
N LYS A 219 -18.92 33.43 3.47
CA LYS A 219 -20.17 32.76 3.13
C LYS A 219 -20.59 32.00 4.37
N VAL A 220 -21.47 32.60 5.17
CA VAL A 220 -21.86 32.10 6.48
C VAL A 220 -23.19 31.37 6.45
N GLY A 221 -23.79 31.22 5.28
CA GLY A 221 -25.13 30.67 5.15
C GLY A 221 -26.14 31.75 4.83
N LEU A 222 -27.35 31.31 4.49
CA LEU A 222 -28.39 32.22 4.00
C LEU A 222 -29.70 31.96 4.73
N GLY A 223 -30.46 33.04 4.96
CA GLY A 223 -31.79 32.86 5.52
C GLY A 223 -31.74 32.20 6.88
N LYS A 224 -32.55 31.14 7.03
CA LYS A 224 -32.58 30.39 8.28
C LYS A 224 -31.23 29.76 8.59
N GLY A 225 -30.37 29.61 7.58
CA GLY A 225 -29.08 28.99 7.77
C GLY A 225 -27.95 29.94 8.09
N ARG A 226 -28.21 31.23 8.27
CA ARG A 226 -27.11 32.16 8.56
C ARG A 226 -26.44 31.77 9.87
N GLY A 227 -25.13 31.58 9.81
CA GLY A 227 -24.34 31.08 10.92
C GLY A 227 -24.00 29.61 10.80
N TYR A 228 -24.70 28.87 9.94
CA TYR A 228 -24.59 27.42 9.94
C TYR A 228 -23.79 26.89 8.75
N ASN A 229 -22.98 27.76 8.15
CA ASN A 229 -22.03 27.37 7.13
C ASN A 229 -20.71 28.01 7.49
N VAL A 230 -19.69 27.19 7.77
CA VAL A 230 -18.39 27.68 8.23
C VAL A 230 -17.33 27.24 7.23
N ASN A 231 -16.80 28.18 6.46
CA ASN A 231 -15.70 27.90 5.54
C ASN A 231 -14.39 28.40 6.16
N ILE A 232 -13.40 27.52 6.17
CA ILE A 232 -12.06 27.83 6.67
C ILE A 232 -11.12 27.68 5.47
N PRO A 233 -10.84 28.78 4.76
CA PRO A 233 -10.10 28.70 3.49
C PRO A 233 -8.63 28.99 3.67
N TRP A 234 -7.77 28.15 3.11
CA TRP A 234 -6.33 28.31 3.23
C TRP A 234 -5.77 28.97 1.98
N ASN A 235 -4.87 29.92 2.17
CA ASN A 235 -4.20 30.62 1.09
C ASN A 235 -2.72 30.66 1.36
N GLY A 236 -1.93 30.58 0.30
CA GLY A 236 -0.51 30.89 0.34
C GLY A 236 0.31 30.14 1.37
N GLY A 237 0.19 28.82 1.38
CA GLY A 237 0.92 28.03 2.34
C GLY A 237 0.70 26.54 2.16
N LYS A 238 1.74 25.75 2.40
CA LYS A 238 1.63 24.29 2.37
C LYS A 238 1.19 23.86 3.76
N MET A 239 -0.12 23.85 3.97
CA MET A 239 -0.67 23.65 5.29
C MET A 239 -0.54 22.20 5.71
N GLY A 240 -0.52 21.99 7.00
CA GLY A 240 -0.33 20.65 7.54
C GLY A 240 -0.88 20.58 8.93
N ASP A 241 -0.36 19.66 9.71
CA ASP A 241 -0.90 19.41 11.05
C ASP A 241 -0.99 20.65 11.92
N PRO A 242 0.00 21.56 11.97
CA PRO A 242 -0.14 22.71 12.87
C PRO A 242 -1.35 23.57 12.55
N GLU A 243 -1.60 23.79 11.27
CA GLU A 243 -2.70 24.65 10.84
C GLU A 243 -4.05 23.98 11.08
N TYR A 244 -4.15 22.69 10.76
CA TYR A 244 -5.38 21.96 11.03
C TYR A 244 -5.70 21.87 12.52
N MET A 245 -4.70 21.56 13.35
CA MET A 245 -4.92 21.53 14.79
C MET A 245 -5.40 22.88 15.31
N ALA A 246 -4.80 23.96 14.82
CA ALA A 246 -5.19 25.30 15.27
C ALA A 246 -6.59 25.65 14.80
N ALA A 247 -6.95 25.30 13.55
CA ALA A 247 -8.32 25.52 13.11
C ALA A 247 -9.32 24.73 13.97
N PHE A 248 -8.97 23.50 14.36
CA PHE A 248 -9.87 22.75 15.21
C PHE A 248 -9.98 23.38 16.59
N HIS A 249 -8.86 23.83 17.15
CA HIS A 249 -8.86 24.42 18.49
C HIS A 249 -9.67 25.71 18.53
N HIS A 250 -9.48 26.59 17.55
CA HIS A 250 -10.08 27.92 17.58
C HIS A 250 -11.47 27.99 16.97
N LEU A 251 -11.79 27.09 16.03
CA LEU A 251 -13.00 27.22 15.23
C LEU A 251 -13.88 25.97 15.27
N VAL A 252 -13.37 24.83 14.78
CA VAL A 252 -14.24 23.68 14.58
C VAL A 252 -14.83 23.22 15.89
N MET A 253 -14.00 22.99 16.90
CA MET A 253 -14.52 22.40 18.13
C MET A 253 -15.39 23.35 18.95
N PRO A 254 -15.01 24.63 19.12
CA PRO A 254 -15.92 25.55 19.84
C PRO A 254 -17.29 25.68 19.18
N ILE A 255 -17.33 25.89 17.86
CA ILE A 255 -18.60 25.96 17.14
C ILE A 255 -19.37 24.65 17.29
N ALA A 256 -18.69 23.52 17.06
CA ALA A 256 -19.36 22.22 17.13
C ALA A 256 -19.95 21.98 18.51
N ARG A 257 -19.19 22.24 19.56
CA ARG A 257 -19.72 22.07 20.94
C ARG A 257 -20.95 22.97 21.17
N GLU A 258 -20.92 24.18 20.66
CA GLU A 258 -22.06 25.08 20.86
C GLU A 258 -23.28 24.58 20.08
N PHE A 259 -23.08 24.07 18.87
CA PHE A 259 -24.18 23.53 18.07
C PHE A 259 -24.79 22.29 18.72
N ALA A 260 -23.95 21.49 19.42
CA ALA A 260 -24.34 20.28 20.14
C ALA A 260 -24.98 19.27 19.17
N PRO A 261 -24.23 18.79 18.18
CA PRO A 261 -24.83 17.88 17.21
C PRO A 261 -25.27 16.60 17.89
N GLU A 262 -26.25 15.96 17.28
CA GLU A 262 -26.68 14.62 17.66
C GLU A 262 -26.06 13.54 16.80
N LEU A 263 -25.39 13.93 15.71
CA LEU A 263 -24.70 13.01 14.82
C LEU A 263 -23.61 13.81 14.13
N VAL A 264 -22.39 13.26 14.03
CA VAL A 264 -21.31 13.89 13.29
C VAL A 264 -21.01 13.05 12.06
N LEU A 265 -21.03 13.67 10.89
CA LEU A 265 -20.56 13.05 9.66
C LEU A 265 -19.28 13.74 9.24
N VAL A 266 -18.27 12.95 8.91
CA VAL A 266 -17.04 13.53 8.40
C VAL A 266 -16.97 13.20 6.92
N SER A 267 -16.97 14.26 6.10
CA SER A 267 -16.59 14.14 4.69
C SER A 267 -15.07 14.05 4.71
N ALA A 268 -14.62 12.82 4.85
CA ALA A 268 -13.21 12.53 5.11
C ALA A 268 -12.48 12.23 3.80
N GLY A 269 -12.15 13.29 3.06
CA GLY A 269 -11.17 13.13 2.01
C GLY A 269 -9.79 13.14 2.61
N PHE A 270 -8.87 12.44 1.98
CA PHE A 270 -7.49 12.38 2.45
C PHE A 270 -6.55 12.98 1.43
N ASP A 271 -7.04 13.97 0.70
CA ASP A 271 -6.23 14.65 -0.30
C ASP A 271 -5.50 15.86 0.25
N ALA A 272 -5.70 16.22 1.51
CA ALA A 272 -4.78 17.16 2.16
C ALA A 272 -3.54 16.46 2.75
N ALA A 273 -3.42 15.16 2.48
CA ALA A 273 -2.40 14.36 3.12
C ALA A 273 -1.05 14.57 2.46
N ARG A 274 0.00 14.50 3.28
N ARG A 274 0.01 14.50 3.28
CA ARG A 274 1.36 14.40 2.77
CA ARG A 274 1.36 14.45 2.73
C ARG A 274 1.42 13.31 1.70
C ARG A 274 1.45 13.33 1.70
N GLY A 275 1.95 13.67 0.53
CA GLY A 275 2.06 12.73 -0.57
C GLY A 275 0.94 12.77 -1.58
N ASP A 276 -0.14 13.51 -1.32
CA ASP A 276 -1.23 13.52 -2.29
C ASP A 276 -0.78 14.16 -3.61
N PRO A 277 -1.14 13.58 -4.76
CA PRO A 277 -0.68 14.16 -6.03
C PRO A 277 -1.44 15.40 -6.46
N LEU A 278 -2.59 15.71 -5.82
CA LEU A 278 -3.43 16.84 -6.21
C LEU A 278 -3.53 17.93 -5.15
N GLY A 279 -3.44 17.59 -3.87
CA GLY A 279 -3.74 18.56 -2.84
C GLY A 279 -2.62 19.55 -2.53
N GLY A 280 -1.38 19.08 -2.56
CA GLY A 280 -0.25 19.94 -2.24
C GLY A 280 -0.07 20.30 -0.78
N PHE A 281 -0.72 19.58 0.15
CA PHE A 281 -0.63 19.85 1.59
C PHE A 281 0.12 18.70 2.28
N GLN A 282 0.24 18.78 3.61
CA GLN A 282 1.07 17.82 4.31
C GLN A 282 0.48 17.40 5.64
N VAL A 283 -0.84 17.27 5.73
CA VAL A 283 -1.42 16.66 6.91
C VAL A 283 -0.96 15.20 7.00
N THR A 284 -0.59 14.77 8.20
CA THR A 284 -0.03 13.44 8.40
C THR A 284 -1.11 12.48 8.86
N PRO A 285 -0.85 11.15 8.80
CA PRO A 285 -1.82 10.20 9.37
C PRO A 285 -2.08 10.44 10.84
N GLU A 286 -1.05 10.80 11.59
N GLU A 286 -1.04 10.80 11.61
CA GLU A 286 -1.23 11.13 13.00
CA GLU A 286 -1.27 11.11 13.00
C GLU A 286 -2.11 12.36 13.16
C GLU A 286 -2.09 12.38 13.18
N GLY A 287 -1.99 13.33 12.25
CA GLY A 287 -2.87 14.49 12.27
C GLY A 287 -4.34 14.13 12.09
N TYR A 288 -4.63 13.31 11.08
CA TYR A 288 -6.02 12.86 10.91
C TYR A 288 -6.52 12.10 12.13
N ALA A 289 -5.66 11.31 12.75
CA ALA A 289 -6.05 10.62 13.98
C ALA A 289 -6.46 11.61 15.06
N HIS A 290 -5.67 12.67 15.24
CA HIS A 290 -6.02 13.68 16.24
C HIS A 290 -7.32 14.38 15.91
N LEU A 291 -7.54 14.71 14.63
CA LEU A 291 -8.80 15.36 14.26
C LEU A 291 -9.98 14.43 14.56
N THR A 292 -9.86 13.15 14.25
CA THR A 292 -10.91 12.19 14.55
C THR A 292 -11.15 12.11 16.05
N HIS A 293 -10.07 12.00 16.83
CA HIS A 293 -10.19 11.87 18.27
C HIS A 293 -10.95 13.06 18.87
N GLN A 294 -10.68 14.28 18.36
CA GLN A 294 -11.42 15.43 18.85
C GLN A 294 -12.91 15.34 18.51
N LEU A 295 -13.24 14.93 17.29
CA LEU A 295 -14.64 14.87 16.92
C LEU A 295 -15.40 13.82 17.74
N MET A 296 -14.70 12.79 18.22
CA MET A 296 -15.35 11.77 19.03
C MET A 296 -15.87 12.31 20.36
N SER A 297 -15.45 13.50 20.76
CA SER A 297 -15.96 14.11 21.98
C SER A 297 -17.32 14.77 21.77
N LEU A 298 -17.83 14.79 20.54
CA LEU A 298 -19.12 15.37 20.21
C LEU A 298 -20.18 14.29 20.04
N ALA A 299 -21.45 14.68 20.19
CA ALA A 299 -22.59 13.82 19.84
C ALA A 299 -22.58 12.48 20.55
N ALA A 300 -22.07 12.44 21.79
CA ALA A 300 -21.95 11.20 22.54
C ALA A 300 -21.19 10.14 21.74
N GLY A 301 -20.24 10.61 20.93
CA GLY A 301 -19.38 9.75 20.15
C GLY A 301 -19.96 9.22 18.87
N ARG A 302 -21.14 9.70 18.45
CA ARG A 302 -21.83 9.21 17.26
C ARG A 302 -21.21 9.87 16.03
N VAL A 303 -20.16 9.25 15.49
CA VAL A 303 -19.35 9.79 14.40
C VAL A 303 -19.32 8.78 13.26
N LEU A 304 -19.62 9.23 12.04
CA LEU A 304 -19.50 8.40 10.85
C LEU A 304 -18.48 9.05 9.92
N ILE A 305 -17.39 8.33 9.61
CA ILE A 305 -16.30 8.84 8.77
C ILE A 305 -16.54 8.32 7.36
N ILE A 306 -16.75 9.22 6.41
CA ILE A 306 -17.13 8.86 5.04
C ILE A 306 -15.98 9.23 4.09
N LEU A 307 -15.43 8.24 3.37
CA LEU A 307 -14.36 8.56 2.43
C LEU A 307 -14.86 9.52 1.35
N GLU A 308 -14.11 10.60 1.12
CA GLU A 308 -14.33 11.49 -0.02
C GLU A 308 -13.17 11.33 -1.00
N GLY A 309 -12.34 12.35 -1.18
CA GLY A 309 -11.19 12.26 -2.04
C GLY A 309 -9.95 11.73 -1.34
N GLY A 310 -8.80 11.97 -1.97
CA GLY A 310 -7.55 11.41 -1.50
C GLY A 310 -7.01 10.40 -2.50
N TYR A 311 -5.80 10.64 -3.02
CA TYR A 311 -5.36 10.00 -4.25
C TYR A 311 -3.99 9.35 -4.19
N ASN A 312 -3.22 9.53 -3.13
CA ASN A 312 -2.02 8.72 -2.92
C ASN A 312 -2.46 7.47 -2.17
N LEU A 313 -2.36 6.32 -2.84
CA LEU A 313 -2.96 5.10 -2.28
C LEU A 313 -2.36 4.75 -0.93
N THR A 314 -1.05 4.93 -0.77
CA THR A 314 -0.42 4.66 0.52
C THR A 314 -0.86 5.68 1.56
N SER A 315 -0.87 6.96 1.21
CA SER A 315 -1.27 7.99 2.17
C SER A 315 -2.70 7.79 2.64
N ILE A 316 -3.62 7.51 1.73
CA ILE A 316 -5.02 7.42 2.15
C ILE A 316 -5.26 6.18 2.98
N SER A 317 -4.53 5.10 2.67
CA SER A 317 -4.72 3.87 3.43
C SER A 317 -4.21 4.03 4.86
N GLU A 318 -3.05 4.65 5.03
CA GLU A 318 -2.54 4.90 6.38
C GLU A 318 -3.42 5.90 7.11
N SER A 319 -3.82 6.98 6.45
CA SER A 319 -4.59 8.02 7.11
C SER A 319 -5.95 7.52 7.55
N MET A 320 -6.71 6.86 6.66
CA MET A 320 -8.04 6.40 7.06
C MET A 320 -7.94 5.30 8.12
N SER A 321 -6.95 4.40 7.99
CA SER A 321 -6.75 3.38 9.02
C SER A 321 -6.53 4.02 10.39
N MET A 322 -5.75 5.09 10.47
CA MET A 322 -5.52 5.77 11.75
C MET A 322 -6.81 6.37 12.30
N CYS A 323 -7.71 6.84 11.43
CA CYS A 323 -9.00 7.32 11.90
C CYS A 323 -9.80 6.19 12.52
N THR A 324 -9.80 5.02 11.87
CA THR A 324 -10.53 3.90 12.42
C THR A 324 -9.93 3.45 13.73
N SER A 325 -8.59 3.47 13.85
CA SER A 325 -7.95 3.17 15.12
C SER A 325 -8.48 4.07 16.23
N MET A 326 -8.66 5.36 15.92
CA MET A 326 -9.23 6.28 16.92
C MET A 326 -10.66 5.90 17.28
N LEU A 327 -11.48 5.58 16.29
CA LEU A 327 -12.88 5.24 16.56
C LEU A 327 -12.97 4.02 17.46
N LEU A 328 -12.02 3.08 17.29
CA LEU A 328 -11.97 1.87 18.12
C LEU A 328 -11.51 2.14 19.53
N GLY A 329 -11.07 3.36 19.83
CA GLY A 329 -10.69 3.71 21.17
C GLY A 329 -9.21 3.66 21.44
N ASP A 330 -8.38 3.47 20.42
CA ASP A 330 -6.94 3.49 20.62
C ASP A 330 -6.48 4.91 20.93
N SER A 331 -5.40 5.01 21.65
CA SER A 331 -4.97 6.36 22.04
C SER A 331 -4.31 7.07 20.85
N PRO A 332 -4.38 8.40 20.81
CA PRO A 332 -3.80 9.14 19.68
C PRO A 332 -2.30 8.91 19.58
N PRO A 333 -1.78 8.74 18.37
CA PRO A 333 -0.33 8.71 18.18
C PRO A 333 0.22 10.11 18.45
N SER A 334 1.54 10.22 18.50
CA SER A 334 2.16 11.50 18.80
C SER A 334 2.36 12.30 17.52
N LEU A 335 1.93 13.56 17.53
CA LEU A 335 2.24 14.46 16.43
C LEU A 335 3.71 14.83 16.46
N ASP A 336 4.22 15.19 15.29
CA ASP A 336 5.52 15.82 15.21
C ASP A 336 5.47 17.14 15.94
N HIS A 337 6.63 17.63 16.36
CA HIS A 337 6.67 18.97 16.94
C HIS A 337 6.03 19.96 15.98
N LEU A 338 5.02 20.69 16.47
CA LEU A 338 4.24 21.58 15.61
C LEU A 338 4.98 22.90 15.45
N THR A 339 5.37 23.20 14.22
CA THR A 339 5.97 24.48 13.88
C THR A 339 4.96 25.62 14.12
N PRO A 340 5.44 26.87 14.21
CA PRO A 340 4.50 27.99 14.24
C PRO A 340 3.68 28.03 12.97
N LEU A 341 2.44 28.48 13.10
CA LEU A 341 1.56 28.53 11.95
C LEU A 341 2.16 29.37 10.84
N LYS A 342 1.95 28.93 9.61
CA LYS A 342 2.20 29.81 8.47
C LYS A 342 1.35 31.05 8.64
N THR A 343 1.95 32.22 8.35
CA THR A 343 1.31 33.47 8.74
C THR A 343 -0.06 33.63 8.09
N SER A 344 -0.20 33.16 6.84
CA SER A 344 -1.50 33.26 6.18
C SER A 344 -2.55 32.38 6.86
N ALA A 345 -2.13 31.31 7.54
CA ALA A 345 -3.09 30.47 8.25
C ALA A 345 -3.68 31.21 9.46
N THR A 346 -2.85 32.00 10.16
CA THR A 346 -3.36 32.82 11.24
C THR A 346 -4.37 33.83 10.70
N VAL A 347 -4.07 34.39 9.52
CA VAL A 347 -4.99 35.36 8.91
C VAL A 347 -6.31 34.68 8.57
N SER A 348 -6.25 33.49 7.98
CA SER A 348 -7.48 32.75 7.66
C SER A 348 -8.31 32.49 8.90
N ILE A 349 -7.70 31.98 9.96
CA ILE A 349 -8.44 31.66 11.18
C ILE A 349 -9.08 32.90 11.75
N ASN A 350 -8.33 34.00 11.81
CA ASN A 350 -8.89 35.24 12.37
C ASN A 350 -10.02 35.79 11.51
N ASN A 351 -9.94 35.61 10.18
CA ASN A 351 -11.04 36.02 9.31
C ASN A 351 -12.30 35.21 9.59
N VAL A 352 -12.17 33.89 9.77
CA VAL A 352 -13.35 33.10 10.11
C VAL A 352 -13.88 33.46 11.49
N LEU A 353 -12.99 33.69 12.46
CA LEU A 353 -13.46 34.10 13.78
C LEU A 353 -14.31 35.36 13.71
N ARG A 354 -13.86 36.35 12.94
CA ARG A 354 -14.61 37.60 12.84
C ARG A 354 -15.95 37.38 12.14
N ALA A 355 -15.98 36.51 11.14
CA ALA A 355 -17.20 36.23 10.41
C ALA A 355 -18.23 35.49 11.26
N HIS A 356 -17.78 34.63 12.18
CA HIS A 356 -18.69 33.75 12.89
C HIS A 356 -18.92 34.08 14.36
N ALA A 357 -18.09 34.93 14.97
CA ALA A 357 -18.40 35.35 16.33
C ALA A 357 -19.78 35.98 16.49
N PRO A 358 -20.35 36.65 15.48
CA PRO A 358 -21.75 37.11 15.63
C PRO A 358 -22.74 35.99 15.94
N PHE A 359 -22.46 34.77 15.48
CA PHE A 359 -23.41 33.67 15.57
C PHE A 359 -23.09 32.67 16.66
N TRP A 360 -21.83 32.60 17.09
CA TRP A 360 -21.34 31.58 18.01
C TRP A 360 -20.66 32.28 19.17
N SER A 361 -21.32 32.34 20.33
CA SER A 361 -20.74 33.04 21.46
C SER A 361 -19.47 32.40 21.98
N SER A 362 -19.24 31.11 21.66
CA SER A 362 -18.00 30.46 22.08
C SER A 362 -16.76 31.04 21.40
N LEU A 363 -16.92 31.83 20.36
CA LEU A 363 -15.78 32.42 19.66
C LEU A 363 -15.43 33.81 20.18
N ARG A 364 -16.15 34.27 21.19
CA ARG A 364 -16.01 35.65 21.64
C ARG A 364 -15.02 35.82 22.78
N PRO B 8 24.83 6.21 -15.31
CA PRO B 8 24.50 4.86 -14.79
C PRO B 8 23.00 4.63 -14.84
N ILE B 9 22.58 3.52 -15.44
CA ILE B 9 21.17 3.21 -15.64
C ILE B 9 20.78 2.04 -14.75
N THR B 10 19.60 2.13 -14.14
CA THR B 10 19.04 1.02 -13.38
C THR B 10 17.87 0.43 -14.16
N GLY B 11 17.89 -0.89 -14.37
CA GLY B 11 16.81 -1.58 -15.04
C GLY B 11 15.74 -2.03 -14.05
N LEU B 12 14.50 -2.14 -14.55
CA LEU B 12 13.40 -2.68 -13.77
C LEU B 12 12.58 -3.59 -14.65
N VAL B 13 12.26 -4.79 -14.17
CA VAL B 13 11.40 -5.71 -14.91
C VAL B 13 10.20 -6.03 -14.02
N TYR B 14 9.01 -5.99 -14.63
CA TYR B 14 7.75 -6.29 -13.97
C TYR B 14 6.76 -6.64 -15.06
N ASP B 15 5.93 -7.65 -14.82
CA ASP B 15 4.83 -7.95 -15.75
C ASP B 15 3.64 -8.38 -14.92
N GLN B 16 2.52 -7.66 -15.07
CA GLN B 16 1.35 -7.96 -14.25
C GLN B 16 0.81 -9.36 -14.48
N ARG B 17 1.19 -10.01 -15.57
N ARG B 17 1.18 -10.01 -15.58
CA ARG B 17 0.67 -11.35 -15.80
CA ARG B 17 0.71 -11.37 -15.83
C ARG B 17 1.23 -12.37 -14.81
C ARG B 17 1.21 -12.36 -14.79
N MET B 18 2.30 -12.03 -14.09
CA MET B 18 2.75 -12.91 -13.00
C MET B 18 1.77 -12.91 -11.84
N MET B 19 0.76 -12.03 -11.85
CA MET B 19 -0.27 -12.11 -10.83
C MET B 19 -1.25 -13.27 -11.05
N LEU B 20 -1.22 -13.92 -12.22
CA LEU B 20 -2.26 -14.91 -12.54
C LEU B 20 -2.11 -16.21 -11.75
N HIS B 21 -0.91 -16.54 -11.29
CA HIS B 21 -0.73 -17.67 -10.40
C HIS B 21 -1.48 -17.44 -9.09
N HIS B 22 -2.35 -18.37 -8.71
CA HIS B 22 -3.20 -18.10 -7.55
C HIS B 22 -3.58 -19.42 -6.90
N ASN B 23 -4.10 -19.30 -5.68
CA ASN B 23 -4.45 -20.45 -4.84
C ASN B 23 -5.97 -20.63 -4.93
N MET B 24 -6.40 -21.72 -5.57
CA MET B 24 -7.81 -21.91 -5.86
C MET B 24 -8.60 -22.18 -4.59
N TRP B 25 -7.98 -22.75 -3.57
CA TRP B 25 -8.68 -23.12 -2.35
C TRP B 25 -8.62 -22.03 -1.29
N ASP B 26 -7.58 -21.21 -1.28
CA ASP B 26 -7.36 -20.22 -0.23
C ASP B 26 -6.89 -18.95 -0.93
N SER B 27 -7.84 -18.11 -1.31
CA SER B 27 -7.50 -16.87 -2.00
C SER B 27 -6.74 -15.88 -1.11
N HIS B 28 -6.66 -16.15 0.20
CA HIS B 28 -5.93 -15.32 1.15
C HIS B 28 -4.60 -15.92 1.54
N HIS B 29 -4.16 -16.96 0.85
CA HIS B 29 -2.82 -17.48 1.09
C HIS B 29 -1.81 -16.35 0.96
N PRO B 30 -0.80 -16.29 1.82
CA PRO B 30 0.07 -15.10 1.87
C PRO B 30 0.85 -14.79 0.60
N GLU B 31 1.17 -15.80 -0.23
CA GLU B 31 1.93 -15.54 -1.46
C GLU B 31 0.93 -15.05 -2.50
N LEU B 32 0.52 -13.79 -2.34
CA LEU B 32 -0.59 -13.18 -3.06
C LEU B 32 -0.17 -12.59 -4.41
N PRO B 33 -1.06 -12.68 -5.40
CA PRO B 33 -0.86 -11.97 -6.66
C PRO B 33 -0.46 -10.51 -6.46
N GLN B 34 -1.14 -9.82 -5.55
CA GLN B 34 -0.87 -8.40 -5.39
C GLN B 34 0.47 -8.10 -4.73
N ARG B 35 1.25 -9.10 -4.31
CA ARG B 35 2.58 -8.77 -3.82
C ARG B 35 3.35 -7.95 -4.85
N ILE B 36 3.29 -8.37 -6.12
CA ILE B 36 4.10 -7.69 -7.13
C ILE B 36 3.46 -6.38 -7.59
N SER B 37 2.15 -6.35 -7.75
CA SER B 37 1.51 -5.08 -8.15
C SER B 37 1.69 -4.01 -7.07
N ARG B 38 1.67 -4.41 -5.80
CA ARG B 38 1.89 -3.45 -4.72
C ARG B 38 3.31 -2.87 -4.77
N ILE B 39 4.32 -3.71 -5.01
CA ILE B 39 5.68 -3.18 -5.10
C ILE B 39 5.82 -2.26 -6.29
N PHE B 40 5.26 -2.64 -7.44
CA PHE B 40 5.31 -1.81 -8.64
C PHE B 40 4.62 -0.47 -8.39
N SER B 41 3.41 -0.52 -7.80
CA SER B 41 2.69 0.71 -7.49
CA SER B 41 2.70 0.70 -7.49
C SER B 41 3.51 1.63 -6.60
N ARG B 42 4.22 1.07 -5.61
CA ARG B 42 4.98 1.94 -4.73
C ARG B 42 6.13 2.60 -5.47
N HIS B 43 6.72 1.89 -6.42
CA HIS B 43 7.73 2.50 -7.28
C HIS B 43 7.16 3.67 -8.07
N GLU B 44 5.94 3.52 -8.58
CA GLU B 44 5.30 4.64 -9.29
C GLU B 44 5.07 5.81 -8.33
N GLU B 45 4.51 5.51 -7.16
CA GLU B 45 4.13 6.52 -6.18
C GLU B 45 5.31 7.35 -5.73
N LEU B 46 6.46 6.72 -5.55
CA LEU B 46 7.70 7.36 -5.13
C LEU B 46 8.46 7.96 -6.30
N ARG B 47 7.94 7.83 -7.52
CA ARG B 47 8.55 8.37 -8.73
C ARG B 47 9.90 7.73 -9.04
N LEU B 48 10.06 6.47 -8.62
CA LEU B 48 11.24 5.68 -8.94
C LEU B 48 11.12 4.98 -10.28
N LEU B 49 9.90 4.61 -10.67
CA LEU B 49 9.71 3.86 -11.91
C LEU B 49 10.20 4.64 -13.12
N SER B 50 9.87 5.93 -13.20
CA SER B 50 10.30 6.71 -14.36
C SER B 50 11.80 6.91 -14.41
N ARG B 51 12.51 6.70 -13.30
CA ARG B 51 13.95 6.82 -13.23
C ARG B 51 14.66 5.55 -13.66
N CYS B 52 13.92 4.46 -13.87
CA CYS B 52 14.49 3.20 -14.30
C CYS B 52 14.23 2.97 -15.78
N HIS B 53 15.11 2.19 -16.39
CA HIS B 53 14.85 1.71 -17.74
C HIS B 53 14.06 0.41 -17.64
N ARG B 54 12.93 0.35 -18.33
CA ARG B 54 12.06 -0.81 -18.26
C ARG B 54 12.64 -1.92 -19.14
N ILE B 55 12.96 -3.05 -18.52
CA ILE B 55 13.51 -4.20 -19.25
C ILE B 55 12.33 -5.08 -19.61
N PRO B 56 12.21 -5.53 -20.86
CA PRO B 56 11.05 -6.34 -21.24
C PRO B 56 11.04 -7.70 -20.55
N ALA B 57 9.86 -8.12 -20.12
CA ALA B 57 9.71 -9.46 -19.60
C ALA B 57 9.60 -10.45 -20.77
N ARG B 58 9.93 -11.71 -20.50
CA ARG B 58 9.74 -12.80 -21.47
C ARG B 58 9.65 -14.11 -20.73
N LEU B 59 9.18 -15.14 -21.44
CA LEU B 59 9.15 -16.50 -20.90
C LEU B 59 10.52 -17.18 -21.02
N ALA B 60 10.99 -17.80 -19.94
CA ALA B 60 12.10 -18.74 -20.04
C ALA B 60 11.71 -19.92 -20.94
N THR B 61 12.71 -20.51 -21.59
CA THR B 61 12.49 -21.72 -22.37
C THR B 61 12.77 -22.95 -21.53
N GLU B 62 12.26 -24.09 -22.01
CA GLU B 62 12.53 -25.36 -21.34
C GLU B 62 14.01 -25.66 -21.32
N GLU B 63 14.73 -25.33 -22.39
CA GLU B 63 16.18 -25.52 -22.41
C GLU B 63 16.84 -24.72 -21.30
N GLU B 64 16.32 -23.50 -21.02
CA GLU B 64 16.90 -22.71 -19.95
C GLU B 64 16.58 -23.31 -18.60
N LEU B 65 15.37 -23.85 -18.42
CA LEU B 65 15.05 -24.48 -17.14
C LEU B 65 15.99 -25.66 -16.87
N ALA B 66 16.44 -26.33 -17.92
CA ALA B 66 17.30 -27.50 -17.77
C ALA B 66 18.71 -27.15 -17.32
N LEU B 67 19.07 -25.87 -17.27
CA LEU B 67 20.32 -25.46 -16.65
C LEU B 67 20.40 -25.89 -15.20
N CYS B 68 19.26 -25.92 -14.50
CA CYS B 68 19.22 -26.33 -13.10
C CYS B 68 18.25 -27.45 -12.77
N HIS B 69 17.23 -27.71 -13.61
CA HIS B 69 16.17 -28.63 -13.23
C HIS B 69 16.14 -29.89 -14.10
N SER B 70 15.65 -30.98 -13.51
CA SER B 70 15.57 -32.25 -14.19
C SER B 70 14.43 -32.25 -15.21
N SER B 71 14.56 -33.11 -16.24
CA SER B 71 13.50 -33.15 -17.23
C SER B 71 12.18 -33.61 -16.62
N LYS B 72 12.23 -34.49 -15.62
CA LYS B 72 10.99 -34.96 -14.99
C LYS B 72 10.28 -33.81 -14.29
N HIS B 73 11.02 -32.99 -13.54
CA HIS B 73 10.41 -31.88 -12.84
C HIS B 73 9.84 -30.84 -13.81
N ILE B 74 10.61 -30.51 -14.84
CA ILE B 74 10.10 -29.58 -15.84
C ILE B 74 8.81 -30.10 -16.44
N SER B 75 8.79 -31.38 -16.78
CA SER B 75 7.64 -31.95 -17.48
C SER B 75 6.40 -31.93 -16.60
N ILE B 76 6.55 -32.27 -15.31
CA ILE B 76 5.41 -32.31 -14.40
C ILE B 76 4.84 -30.92 -14.21
N ILE B 77 5.70 -29.94 -13.91
CA ILE B 77 5.18 -28.59 -13.74
C ILE B 77 4.57 -28.08 -15.04
N LYS B 78 5.24 -28.32 -16.17
CA LYS B 78 4.70 -27.93 -17.47
C LYS B 78 3.28 -28.47 -17.66
N SER B 79 3.05 -29.71 -17.25
CA SER B 79 1.77 -30.35 -17.49
C SER B 79 0.65 -29.73 -16.68
N SER B 80 0.96 -28.98 -15.63
CA SER B 80 -0.09 -28.41 -14.81
C SER B 80 -0.88 -27.33 -15.55
N GLU B 81 -0.32 -26.77 -16.62
CA GLU B 81 -1.05 -25.76 -17.38
C GLU B 81 -2.39 -26.31 -17.89
N HIS B 82 -2.46 -27.61 -18.16
CA HIS B 82 -3.66 -28.20 -18.75
C HIS B 82 -4.40 -29.11 -17.78
N MET B 83 -4.07 -29.05 -16.49
CA MET B 83 -4.67 -29.95 -15.50
C MET B 83 -6.05 -29.46 -15.08
N LYS B 84 -6.90 -30.41 -14.75
CA LYS B 84 -8.17 -30.13 -14.11
C LYS B 84 -7.94 -29.80 -12.64
N PRO B 85 -8.91 -29.13 -11.99
CA PRO B 85 -8.68 -28.72 -10.59
C PRO B 85 -8.27 -29.84 -9.64
N ARG B 86 -8.87 -31.03 -9.75
CA ARG B 86 -8.49 -32.12 -8.85
C ARG B 86 -7.04 -32.50 -9.05
N ASP B 87 -6.59 -32.51 -10.32
CA ASP B 87 -5.20 -32.83 -10.63
C ASP B 87 -4.25 -31.80 -10.03
N LEU B 88 -4.63 -30.51 -10.13
CA LEU B 88 -3.81 -29.44 -9.56
C LEU B 88 -3.74 -29.54 -8.04
N ASN B 89 -4.87 -29.81 -7.39
CA ASN B 89 -4.89 -29.94 -5.93
C ASN B 89 -3.99 -31.08 -5.49
N ARG B 90 -4.16 -32.25 -6.10
CA ARG B 90 -3.37 -33.42 -5.69
C ARG B 90 -1.89 -33.21 -5.95
N LEU B 91 -1.55 -32.65 -7.12
CA LEU B 91 -0.14 -32.42 -7.43
C LEU B 91 0.48 -31.45 -6.44
N GLY B 92 -0.19 -30.31 -6.20
CA GLY B 92 0.32 -29.37 -5.21
C GLY B 92 0.53 -30.01 -3.86
N ASP B 93 -0.40 -30.87 -3.45
CA ASP B 93 -0.29 -31.49 -2.13
C ASP B 93 0.82 -32.54 -2.05
N GLU B 94 1.41 -32.95 -3.18
CA GLU B 94 2.57 -33.82 -3.13
C GLU B 94 3.83 -33.09 -2.67
N TYR B 95 3.87 -31.76 -2.79
CA TYR B 95 5.05 -31.01 -2.41
C TYR B 95 4.87 -30.41 -1.02
N ASN B 96 5.97 -29.95 -0.46
CA ASN B 96 5.94 -29.18 0.78
C ASN B 96 5.55 -27.75 0.44
N SER B 97 4.34 -27.33 0.82
CA SER B 97 3.90 -25.93 0.76
C SER B 97 3.89 -25.39 -0.68
N ILE B 98 3.07 -26.01 -1.52
CA ILE B 98 2.86 -25.57 -2.89
C ILE B 98 1.37 -25.54 -3.20
N PHE B 99 0.91 -24.45 -3.84
CA PHE B 99 -0.36 -24.45 -4.54
C PHE B 99 -0.11 -24.18 -6.02
N ILE B 100 -0.98 -24.73 -6.87
CA ILE B 100 -0.82 -24.66 -8.31
C ILE B 100 -2.15 -24.30 -8.94
N SER B 101 -2.12 -23.40 -9.93
CA SER B 101 -3.25 -23.09 -10.80
C SER B 101 -2.83 -23.31 -12.24
N ASN B 102 -3.78 -23.20 -13.18
CA ASN B 102 -3.40 -23.44 -14.57
C ASN B 102 -2.44 -22.39 -15.11
N GLU B 103 -2.26 -21.28 -14.41
CA GLU B 103 -1.35 -20.22 -14.82
C GLU B 103 0.02 -20.29 -14.16
N SER B 104 0.21 -21.21 -13.21
CA SER B 104 1.44 -21.22 -12.41
C SER B 104 2.69 -21.46 -13.26
N TYR B 105 2.65 -22.48 -14.12
CA TYR B 105 3.82 -22.77 -14.94
C TYR B 105 4.26 -21.55 -15.75
N THR B 106 3.31 -20.93 -16.46
CA THR B 106 3.66 -19.76 -17.26
C THR B 106 4.20 -18.63 -16.39
N CYS B 107 3.62 -18.44 -15.21
CA CYS B 107 4.11 -17.39 -14.32
C CYS B 107 5.55 -17.67 -13.88
N ALA B 108 5.83 -18.92 -13.55
CA ALA B 108 7.20 -19.27 -13.17
C ALA B 108 8.18 -19.06 -14.32
N LEU B 109 7.75 -19.38 -15.56
CA LEU B 109 8.59 -19.09 -16.72
C LEU B 109 8.83 -17.60 -16.89
N LEU B 110 7.79 -16.81 -16.64
CA LEU B 110 7.91 -15.36 -16.81
C LEU B 110 8.82 -14.77 -15.75
N ALA B 111 8.77 -15.29 -14.52
CA ALA B 111 9.68 -14.83 -13.47
C ALA B 111 11.13 -15.08 -13.88
N ALA B 112 11.40 -16.29 -14.35
CA ALA B 112 12.77 -16.64 -14.72
C ALA B 112 13.23 -15.84 -15.94
N GLY B 113 12.40 -15.79 -17.00
CA GLY B 113 12.81 -15.09 -18.22
C GLY B 113 13.01 -13.60 -17.99
N SER B 114 12.21 -13.02 -17.11
CA SER B 114 12.39 -11.61 -16.74
C SER B 114 13.76 -11.39 -16.12
N CYS B 115 14.17 -12.33 -15.28
CA CYS B 115 15.48 -12.23 -14.64
C CYS B 115 16.60 -12.47 -15.63
N PHE B 116 16.41 -13.39 -16.60
CA PHE B 116 17.44 -13.58 -17.62
C PHE B 116 17.64 -12.30 -18.42
N ASN B 117 16.55 -11.67 -18.85
CA ASN B 117 16.69 -10.42 -19.60
C ASN B 117 17.40 -9.35 -18.77
N SER B 118 17.15 -9.34 -17.46
CA SER B 118 17.78 -8.35 -16.60
C SER B 118 19.27 -8.63 -16.46
N ALA B 119 19.64 -9.90 -16.27
CA ALA B 119 21.05 -10.25 -16.21
C ALA B 119 21.74 -9.92 -17.52
N GLN B 120 21.08 -10.21 -18.64
CA GLN B 120 21.66 -9.91 -19.95
C GLN B 120 21.86 -8.41 -20.10
N ALA B 121 20.89 -7.60 -19.68
CA ALA B 121 21.07 -6.16 -19.77
C ALA B 121 22.25 -5.67 -18.94
N ILE B 122 22.46 -6.27 -17.77
CA ILE B 122 23.61 -5.91 -16.94
C ILE B 122 24.90 -6.37 -17.60
N LEU B 123 24.94 -7.62 -18.05
CA LEU B 123 26.19 -8.20 -18.52
C LEU B 123 26.63 -7.63 -19.87
N THR B 124 25.71 -7.06 -20.63
CA THR B 124 26.05 -6.42 -21.90
C THR B 124 26.24 -4.92 -21.74
N GLY B 125 26.18 -4.40 -20.51
CA GLY B 125 26.44 -2.99 -20.28
C GLY B 125 25.32 -2.04 -20.66
N GLN B 126 24.10 -2.55 -20.84
CA GLN B 126 22.97 -1.66 -21.12
C GLN B 126 22.48 -0.97 -19.86
N VAL B 127 22.54 -1.64 -18.72
CA VAL B 127 22.22 -1.04 -17.43
C VAL B 127 23.33 -1.43 -16.46
N ARG B 128 23.48 -0.63 -15.40
CA ARG B 128 24.49 -0.93 -14.40
C ARG B 128 23.99 -2.00 -13.44
N ASN B 129 22.70 -1.95 -13.10
CA ASN B 129 22.12 -2.81 -12.08
C ASN B 129 20.63 -2.89 -12.38
N ALA B 130 19.90 -3.69 -11.61
CA ALA B 130 18.52 -3.91 -11.99
C ALA B 130 17.75 -4.53 -10.83
N VAL B 131 16.43 -4.39 -10.90
CA VAL B 131 15.50 -4.96 -9.92
C VAL B 131 14.44 -5.74 -10.69
N ALA B 132 14.06 -6.91 -10.16
CA ALA B 132 13.08 -7.78 -10.81
C ALA B 132 11.95 -8.03 -9.83
N ILE B 133 10.76 -7.52 -10.18
CA ILE B 133 9.57 -7.62 -9.35
C ILE B 133 8.79 -8.82 -9.91
N VAL B 134 9.07 -9.99 -9.35
CA VAL B 134 8.62 -11.27 -9.91
C VAL B 134 7.98 -12.16 -8.85
N ARG B 135 7.04 -13.00 -9.30
CA ARG B 135 6.53 -14.10 -8.51
C ARG B 135 6.06 -15.18 -9.49
N PRO B 136 5.91 -16.43 -9.03
CA PRO B 136 6.20 -17.00 -7.72
C PRO B 136 7.70 -16.97 -7.45
N PRO B 137 8.07 -17.09 -6.17
CA PRO B 137 9.50 -17.06 -5.79
C PRO B 137 10.25 -18.30 -6.24
N GLY B 138 11.55 -18.36 -5.97
CA GLY B 138 12.35 -19.43 -6.51
C GLY B 138 13.25 -20.22 -5.56
N HIS B 139 13.68 -19.62 -4.44
CA HIS B 139 14.89 -20.14 -3.78
C HIS B 139 14.72 -21.48 -3.08
N HIS B 140 13.48 -21.93 -2.82
CA HIS B 140 13.23 -23.25 -2.24
C HIS B 140 13.12 -24.34 -3.28
N ALA B 141 13.02 -24.00 -4.57
CA ALA B 141 12.91 -25.05 -5.60
C ALA B 141 14.23 -25.77 -5.77
N GLU B 142 14.15 -27.10 -5.81
CA GLU B 142 15.30 -27.97 -6.01
C GLU B 142 15.39 -28.40 -7.47
N LYS B 143 16.51 -29.05 -7.79
CA LYS B 143 16.68 -29.59 -9.13
C LYS B 143 15.46 -30.38 -9.55
N ASP B 144 14.95 -31.24 -8.65
CA ASP B 144 13.93 -32.22 -8.99
C ASP B 144 12.58 -32.01 -8.29
N THR B 145 12.36 -30.90 -7.59
CA THR B 145 11.07 -30.77 -6.91
C THR B 145 10.74 -29.31 -6.63
N ALA B 146 9.43 -29.03 -6.54
CA ALA B 146 8.92 -27.75 -6.10
C ALA B 146 8.82 -27.75 -4.56
N CYS B 147 8.90 -26.55 -3.97
CA CYS B 147 8.88 -26.48 -2.50
C CYS B 147 8.67 -25.03 -2.08
N GLY B 148 7.92 -24.83 -1.01
CA GLY B 148 7.93 -23.52 -0.36
C GLY B 148 7.50 -22.37 -1.25
N PHE B 149 6.41 -22.56 -2.00
CA PHE B 149 5.82 -21.55 -2.88
C PHE B 149 6.61 -21.40 -4.19
N CYS B 150 7.66 -22.20 -4.40
CA CYS B 150 8.61 -22.02 -5.50
C CYS B 150 8.57 -23.22 -6.43
N PHE B 151 8.52 -22.96 -7.74
CA PHE B 151 8.50 -24.01 -8.76
C PHE B 151 9.86 -24.25 -9.41
N PHE B 152 10.49 -23.19 -9.88
CA PHE B 152 11.82 -23.25 -10.49
C PHE B 152 12.70 -22.24 -9.77
N ASN B 153 14.00 -22.55 -9.67
CA ASN B 153 14.88 -21.71 -8.87
C ASN B 153 15.39 -20.55 -9.70
N THR B 154 14.62 -19.47 -9.67
CA THR B 154 14.87 -18.32 -10.54
C THR B 154 16.28 -17.77 -10.37
N ALA B 155 16.73 -17.59 -9.13
CA ALA B 155 18.07 -17.04 -8.93
C ALA B 155 19.16 -17.99 -9.39
N ALA B 156 19.03 -19.29 -9.10
CA ALA B 156 20.03 -20.24 -9.55
C ALA B 156 20.06 -20.32 -11.07
N LEU B 157 18.88 -20.34 -11.70
CA LEU B 157 18.81 -20.35 -13.16
C LEU B 157 19.45 -19.09 -13.75
N THR B 158 19.25 -17.94 -13.09
CA THR B 158 19.85 -16.70 -13.62
C THR B 158 21.36 -16.74 -13.53
N ALA B 159 21.90 -17.34 -12.45
CA ALA B 159 23.35 -17.49 -12.36
C ALA B 159 23.89 -18.36 -13.51
N ARG B 160 23.23 -19.48 -13.79
CA ARG B 160 23.68 -20.34 -14.89
C ARG B 160 23.44 -19.68 -16.24
N TYR B 161 22.33 -18.94 -16.36
CA TYR B 161 22.07 -18.21 -17.59
C TYR B 161 23.18 -17.20 -17.83
N ALA B 162 23.56 -16.47 -16.78
CA ALA B 162 24.64 -15.51 -16.87
C ALA B 162 25.92 -16.18 -17.36
N GLN B 163 26.24 -17.36 -16.80
CA GLN B 163 27.41 -18.09 -17.26
C GLN B 163 27.28 -18.50 -18.72
N SER B 164 26.06 -18.87 -19.17
CA SER B 164 25.85 -19.34 -20.53
C SER B 164 26.07 -18.25 -21.57
N ILE B 165 25.93 -16.97 -21.20
CA ILE B 165 26.12 -15.88 -22.15
C ILE B 165 27.42 -15.15 -21.95
N THR B 166 28.26 -15.61 -21.01
CA THR B 166 29.57 -15.05 -20.77
C THR B 166 30.60 -16.16 -20.86
N ARG B 167 31.03 -16.70 -19.72
CA ARG B 167 31.82 -17.92 -19.71
C ARG B 167 31.38 -18.78 -18.55
N GLU B 168 31.69 -20.08 -18.65
CA GLU B 168 31.18 -21.05 -17.69
C GLU B 168 31.63 -20.75 -16.26
N SER B 169 32.80 -20.16 -16.10
CA SER B 169 33.38 -19.90 -14.78
C SER B 169 33.12 -18.48 -14.29
N LEU B 170 32.21 -17.74 -14.93
CA LEU B 170 31.87 -16.41 -14.42
C LEU B 170 31.52 -16.51 -12.93
N ARG B 171 32.15 -15.68 -12.11
CA ARG B 171 31.96 -15.76 -10.66
C ARG B 171 30.70 -15.02 -10.29
N VAL B 172 29.70 -15.75 -9.81
CA VAL B 172 28.41 -15.17 -9.42
C VAL B 172 28.26 -15.33 -7.93
N LEU B 173 27.97 -14.23 -7.23
CA LEU B 173 27.63 -14.25 -5.82
C LEU B 173 26.12 -14.18 -5.72
N ILE B 174 25.51 -15.10 -4.98
CA ILE B 174 24.10 -15.01 -4.65
C ILE B 174 24.01 -14.73 -3.16
N VAL B 175 23.41 -13.60 -2.79
CA VAL B 175 23.15 -13.28 -1.40
C VAL B 175 21.66 -13.43 -1.19
N ASP B 176 21.28 -14.34 -0.29
CA ASP B 176 19.87 -14.67 -0.05
C ASP B 176 19.50 -14.13 1.31
N TRP B 177 18.82 -12.98 1.34
CA TRP B 177 18.43 -12.36 2.59
C TRP B 177 16.95 -12.59 2.90
N ASP B 178 16.29 -13.43 2.13
CA ASP B 178 14.98 -13.93 2.53
C ASP B 178 15.13 -14.58 3.90
N VAL B 179 14.10 -14.46 4.74
CA VAL B 179 14.23 -14.95 6.11
C VAL B 179 14.38 -16.46 6.16
N HIS B 180 14.03 -17.15 5.08
CA HIS B 180 14.14 -18.61 5.02
C HIS B 180 15.40 -19.02 4.26
N HIS B 181 15.98 -20.14 4.66
CA HIS B 181 17.13 -20.67 3.95
C HIS B 181 16.73 -21.11 2.56
N GLY B 182 17.55 -20.74 1.57
CA GLY B 182 17.30 -21.17 0.22
C GLY B 182 17.88 -22.55 -0.03
N ASN B 183 17.17 -23.56 0.48
CA ASN B 183 17.64 -24.94 0.38
C ASN B 183 17.95 -25.32 -1.06
N GLY B 184 17.09 -24.91 -2.00
CA GLY B 184 17.33 -25.26 -3.39
C GLY B 184 18.58 -24.64 -3.93
N THR B 185 18.79 -23.35 -3.65
CA THR B 185 19.99 -22.70 -4.16
C THR B 185 21.26 -23.32 -3.58
N GLN B 186 21.25 -23.61 -2.27
CA GLN B 186 22.39 -24.28 -1.66
C GLN B 186 22.68 -25.59 -2.37
N HIS B 187 21.66 -26.42 -2.52
CA HIS B 187 21.89 -27.74 -3.11
C HIS B 187 22.37 -27.65 -4.55
N ILE B 188 21.80 -26.75 -5.34
CA ILE B 188 22.15 -26.66 -6.75
C ILE B 188 23.62 -26.31 -6.92
N PHE B 189 24.14 -25.44 -6.05
CA PHE B 189 25.51 -24.99 -6.18
C PHE B 189 26.46 -25.61 -5.15
N GLU B 190 26.03 -26.64 -4.42
CA GLU B 190 26.81 -27.10 -3.27
C GLU B 190 28.20 -27.59 -3.66
N GLU B 191 28.36 -28.11 -4.87
CA GLU B 191 29.64 -28.63 -5.33
C GLU B 191 30.30 -27.69 -6.33
N ASP B 192 29.93 -26.41 -6.31
CA ASP B 192 30.34 -25.45 -7.32
C ASP B 192 31.11 -24.31 -6.67
N ASP B 193 32.30 -24.01 -7.19
CA ASP B 193 33.09 -22.89 -6.71
C ASP B 193 32.92 -21.63 -7.57
N SER B 194 32.14 -21.71 -8.65
CA SER B 194 31.89 -20.55 -9.47
C SER B 194 30.73 -19.71 -8.97
N VAL B 195 29.89 -20.27 -8.10
CA VAL B 195 28.72 -19.58 -7.56
C VAL B 195 28.81 -19.65 -6.05
N LEU B 196 29.08 -18.52 -5.42
CA LEU B 196 29.19 -18.41 -3.98
C LEU B 196 27.79 -18.10 -3.46
N TYR B 197 27.27 -18.96 -2.60
CA TYR B 197 25.94 -18.81 -2.03
C TYR B 197 26.11 -18.36 -0.58
N ILE B 198 25.54 -17.21 -0.23
CA ILE B 198 25.53 -16.72 1.14
C ILE B 198 24.07 -16.50 1.53
N SER B 199 23.63 -17.22 2.56
CA SER B 199 22.26 -17.06 3.04
C SER B 199 22.28 -16.63 4.51
N LEU B 200 21.45 -15.66 4.84
CA LEU B 200 21.11 -15.35 6.22
C LEU B 200 19.66 -15.79 6.42
N HIS B 201 19.37 -16.40 7.56
CA HIS B 201 18.04 -16.96 7.71
C HIS B 201 17.72 -17.27 9.15
N ARG B 202 16.45 -17.19 9.48
CA ARG B 202 16.00 -17.70 10.76
C ARG B 202 16.09 -19.23 10.74
N TYR B 203 16.76 -19.79 11.75
CA TYR B 203 17.04 -21.20 11.80
C TYR B 203 16.36 -21.90 12.97
N GLU B 204 16.53 -21.37 14.18
CA GLU B 204 15.92 -21.96 15.39
C GLU B 204 16.30 -23.44 15.54
N ASP B 205 17.58 -23.74 15.39
CA ASP B 205 18.08 -25.11 15.56
C ASP B 205 17.34 -26.09 14.66
N GLY B 206 16.94 -25.64 13.47
CA GLY B 206 16.26 -26.51 12.54
C GLY B 206 14.75 -26.51 12.62
N ALA B 207 14.14 -25.77 13.53
CA ALA B 207 12.70 -25.82 13.70
C ALA B 207 11.95 -24.91 12.74
N PHE B 208 12.62 -23.97 12.09
CA PHE B 208 11.96 -23.01 11.22
C PHE B 208 12.02 -23.48 9.77
N PHE B 209 10.97 -23.17 9.00
CA PHE B 209 10.94 -23.59 7.61
C PHE B 209 12.22 -23.15 6.90
N PRO B 210 12.83 -24.02 6.08
CA PRO B 210 12.37 -25.34 5.61
C PRO B 210 12.74 -26.54 6.49
N ASN B 211 13.08 -26.32 7.76
CA ASN B 211 13.10 -27.41 8.76
C ASN B 211 14.20 -28.45 8.52
N SER B 212 15.36 -28.00 8.06
CA SER B 212 16.47 -28.91 7.80
C SER B 212 17.76 -28.37 8.40
N GLU B 213 18.58 -29.28 8.94
CA GLU B 213 19.88 -28.83 9.42
C GLU B 213 20.84 -28.53 8.29
N ASP B 214 20.45 -28.72 7.04
CA ASP B 214 21.26 -28.24 5.92
C ASP B 214 21.52 -26.74 6.00
N ALA B 215 20.67 -26.00 6.70
CA ALA B 215 20.81 -24.55 6.83
C ALA B 215 21.80 -24.15 7.91
N ASN B 216 22.44 -25.09 8.62
CA ASN B 216 23.31 -24.68 9.72
C ASN B 216 24.67 -24.19 9.18
N TYR B 217 25.41 -23.50 10.06
CA TYR B 217 26.64 -22.83 9.66
C TYR B 217 27.76 -23.80 9.27
N ASP B 218 27.67 -25.06 9.67
CA ASP B 218 28.73 -26.01 9.34
C ASP B 218 28.59 -26.59 7.95
N LYS B 219 27.55 -26.23 7.20
CA LYS B 219 27.42 -26.70 5.83
C LYS B 219 28.15 -25.69 4.96
N VAL B 220 29.40 -26.01 4.63
CA VAL B 220 30.31 -25.08 3.97
C VAL B 220 30.46 -25.37 2.48
N GLY B 221 29.74 -26.35 1.95
CA GLY B 221 29.91 -26.79 0.58
C GLY B 221 30.65 -28.12 0.52
N LEU B 222 30.65 -28.73 -0.66
CA LEU B 222 31.17 -30.08 -0.83
C LEU B 222 32.09 -30.13 -2.03
N GLY B 223 33.13 -30.95 -1.95
CA GLY B 223 33.96 -31.16 -3.12
C GLY B 223 34.63 -29.87 -3.56
N LYS B 224 34.57 -29.56 -4.87
CA LYS B 224 35.14 -28.31 -5.36
C LYS B 224 34.44 -27.10 -4.74
N GLY B 225 33.24 -27.29 -4.23
CA GLY B 225 32.52 -26.21 -3.61
C GLY B 225 32.81 -25.96 -2.15
N ARG B 226 33.76 -26.67 -1.53
CA ARG B 226 34.01 -26.44 -0.11
C ARG B 226 34.53 -25.03 0.12
N GLY B 227 33.82 -24.32 1.01
CA GLY B 227 34.07 -22.92 1.28
C GLY B 227 33.15 -21.98 0.54
N TYR B 228 32.40 -22.47 -0.44
CA TYR B 228 31.61 -21.60 -1.31
C TYR B 228 30.13 -21.61 -0.97
N ASN B 229 29.80 -22.07 0.23
CA ASN B 229 28.45 -22.03 0.75
C ASN B 229 28.54 -21.48 2.17
N VAL B 230 27.88 -20.35 2.42
CA VAL B 230 27.97 -19.66 3.69
C VAL B 230 26.57 -19.51 4.25
N ASN B 231 26.25 -20.27 5.29
CA ASN B 231 24.98 -20.15 6.00
C ASN B 231 25.18 -19.36 7.28
N ILE B 232 24.35 -18.32 7.45
CA ILE B 232 24.34 -17.49 8.65
C ILE B 232 23.01 -17.70 9.35
N PRO B 233 22.93 -18.64 10.30
CA PRO B 233 21.65 -19.03 10.90
C PRO B 233 21.39 -18.31 12.20
N TRP B 234 20.19 -17.75 12.34
CA TRP B 234 19.82 -17.02 13.54
C TRP B 234 18.97 -17.93 14.43
N ASN B 235 19.23 -17.88 15.74
CA ASN B 235 18.48 -18.63 16.73
C ASN B 235 18.10 -17.72 17.88
N GLY B 236 16.92 -17.95 18.45
CA GLY B 236 16.54 -17.38 19.72
C GLY B 236 16.67 -15.87 19.80
N GLY B 237 15.97 -15.16 18.93
CA GLY B 237 16.03 -13.72 18.92
C GLY B 237 15.26 -13.10 17.77
N LYS B 238 14.67 -11.93 18.01
CA LYS B 238 13.93 -11.22 16.97
C LYS B 238 14.95 -10.34 16.27
N MET B 239 15.60 -10.90 15.25
CA MET B 239 16.72 -10.20 14.67
C MET B 239 16.23 -9.04 13.81
N GLY B 240 17.08 -8.05 13.66
CA GLY B 240 16.75 -6.87 12.89
C GLY B 240 17.98 -6.22 12.37
N ASP B 241 17.88 -4.90 12.12
CA ASP B 241 18.98 -4.18 11.50
C ASP B 241 20.34 -4.36 12.19
N PRO B 242 20.44 -4.33 13.52
CA PRO B 242 21.78 -4.47 14.12
C PRO B 242 22.45 -5.78 13.74
N GLU B 243 21.67 -6.88 13.79
CA GLU B 243 22.26 -8.18 13.51
C GLU B 243 22.59 -8.35 12.03
N TYR B 244 21.75 -7.83 11.13
CA TYR B 244 22.04 -7.94 9.71
C TYR B 244 23.22 -7.07 9.31
N MET B 245 23.32 -5.85 9.87
CA MET B 245 24.49 -5.03 9.59
C MET B 245 25.76 -5.69 10.11
N ALA B 246 25.70 -6.30 11.30
CA ALA B 246 26.87 -6.96 11.86
C ALA B 246 27.26 -8.17 11.03
N ALA B 247 26.27 -8.94 10.55
CA ALA B 247 26.59 -10.06 9.69
C ALA B 247 27.23 -9.60 8.37
N PHE B 248 26.75 -8.50 7.80
CA PHE B 248 27.37 -8.00 6.59
C PHE B 248 28.79 -7.51 6.86
N HIS B 249 29.00 -6.88 8.01
CA HIS B 249 30.30 -6.31 8.31
C HIS B 249 31.34 -7.40 8.53
N HIS B 250 30.99 -8.41 9.32
CA HIS B 250 31.93 -9.43 9.75
C HIS B 250 32.04 -10.59 8.77
N LEU B 251 31.00 -10.84 7.97
CA LEU B 251 30.97 -12.05 7.15
C LEU B 251 30.69 -11.79 5.68
N VAL B 252 29.52 -11.24 5.36
CA VAL B 252 29.11 -11.17 3.96
C VAL B 252 30.10 -10.36 3.15
N MET B 253 30.40 -9.14 3.61
CA MET B 253 31.27 -8.28 2.81
C MET B 253 32.71 -8.77 2.74
N PRO B 254 33.36 -9.19 3.82
CA PRO B 254 34.75 -9.70 3.67
C PRO B 254 34.84 -10.89 2.74
N ILE B 255 33.94 -11.88 2.90
CA ILE B 255 33.97 -13.05 2.01
C ILE B 255 33.70 -12.63 0.56
N ALA B 256 32.67 -11.82 0.35
CA ALA B 256 32.34 -11.41 -1.01
C ALA B 256 33.49 -10.65 -1.68
N ARG B 257 34.17 -9.78 -0.94
CA ARG B 257 35.29 -9.04 -1.54
C ARG B 257 36.41 -9.99 -1.94
N GLU B 258 36.67 -11.01 -1.11
CA GLU B 258 37.72 -11.98 -1.45
C GLU B 258 37.33 -12.83 -2.66
N PHE B 259 36.05 -13.21 -2.76
CA PHE B 259 35.57 -13.96 -3.93
C PHE B 259 35.65 -13.13 -5.20
N ALA B 260 35.46 -11.80 -5.10
CA ALA B 260 35.52 -10.90 -6.24
C ALA B 260 34.51 -11.29 -7.31
N PRO B 261 33.21 -11.26 -7.00
CA PRO B 261 32.22 -11.70 -7.99
C PRO B 261 32.22 -10.77 -9.20
N GLU B 262 31.84 -11.34 -10.35
CA GLU B 262 31.62 -10.58 -11.56
C GLU B 262 30.15 -10.21 -11.75
N LEU B 263 29.26 -10.79 -10.94
CA LEU B 263 27.83 -10.49 -10.97
C LEU B 263 27.31 -10.84 -9.59
N VAL B 264 26.46 -9.98 -9.03
CA VAL B 264 25.80 -10.23 -7.75
C VAL B 264 24.32 -10.39 -8.00
N LEU B 265 23.75 -11.50 -7.57
CA LEU B 265 22.31 -11.68 -7.54
C LEU B 265 21.85 -11.67 -6.10
N VAL B 266 20.80 -10.91 -5.81
CA VAL B 266 20.22 -10.91 -4.48
C VAL B 266 18.93 -11.70 -4.55
N SER B 267 18.87 -12.79 -3.79
CA SER B 267 17.59 -13.46 -3.55
C SER B 267 16.94 -12.63 -2.46
N ALA B 268 16.20 -11.62 -2.90
CA ALA B 268 15.73 -10.56 -2.03
C ALA B 268 14.30 -10.86 -1.59
N GLY B 269 14.16 -11.77 -0.63
CA GLY B 269 12.90 -11.89 0.07
C GLY B 269 12.81 -10.80 1.11
N PHE B 270 11.61 -10.31 1.33
CA PHE B 270 11.43 -9.26 2.34
C PHE B 270 10.61 -9.76 3.51
N ASP B 271 10.76 -11.04 3.82
CA ASP B 271 10.03 -11.62 4.93
C ASP B 271 10.78 -11.57 6.25
N ALA B 272 12.01 -11.06 6.27
CA ALA B 272 12.62 -10.69 7.55
C ALA B 272 12.21 -9.28 7.98
N ALA B 273 11.28 -8.67 7.24
CA ALA B 273 10.93 -7.27 7.45
C ALA B 273 10.04 -7.11 8.67
N ARG B 274 10.22 -5.99 9.36
CA ARG B 274 9.26 -5.57 10.37
C ARG B 274 7.85 -5.62 9.77
N GLY B 275 6.93 -6.29 10.49
CA GLY B 275 5.56 -6.44 10.07
C GLY B 275 5.24 -7.69 9.25
N ASP B 276 6.24 -8.47 8.85
CA ASP B 276 5.95 -9.66 8.07
C ASP B 276 5.12 -10.65 8.88
N PRO B 277 4.09 -11.25 8.28
CA PRO B 277 3.24 -12.17 9.05
C PRO B 277 3.86 -13.53 9.31
N LEU B 278 4.95 -13.89 8.61
CA LEU B 278 5.56 -15.21 8.75
C LEU B 278 6.95 -15.19 9.35
N GLY B 279 7.75 -14.15 9.12
CA GLY B 279 9.15 -14.22 9.46
C GLY B 279 9.47 -13.95 10.92
N GLY B 280 8.69 -13.08 11.58
CA GLY B 280 8.94 -12.81 12.98
C GLY B 280 10.14 -11.94 13.29
N PHE B 281 10.69 -11.24 12.31
CA PHE B 281 11.89 -10.42 12.45
C PHE B 281 11.53 -8.96 12.25
N GLN B 282 12.55 -8.09 12.29
CA GLN B 282 12.27 -6.66 12.32
C GLN B 282 13.26 -5.83 11.50
N VAL B 283 13.77 -6.38 10.39
CA VAL B 283 14.57 -5.56 9.49
C VAL B 283 13.72 -4.44 8.90
N THR B 284 14.26 -3.23 8.85
CA THR B 284 13.53 -2.06 8.40
C THR B 284 13.81 -1.79 6.94
N PRO B 285 12.98 -0.97 6.28
CA PRO B 285 13.28 -0.62 4.88
C PRO B 285 14.63 0.07 4.76
N GLU B 286 14.98 0.92 5.73
CA GLU B 286 16.28 1.55 5.71
C GLU B 286 17.39 0.51 5.87
N GLY B 287 17.13 -0.54 6.65
CA GLY B 287 18.09 -1.64 6.75
C GLY B 287 18.34 -2.32 5.41
N TYR B 288 17.26 -2.65 4.69
CA TYR B 288 17.47 -3.24 3.37
C TYR B 288 18.22 -2.29 2.45
N ALA B 289 17.95 -0.97 2.57
CA ALA B 289 18.68 0.00 1.76
C ALA B 289 20.17 -0.06 2.06
N HIS B 290 20.53 -0.16 3.33
CA HIS B 290 21.96 -0.23 3.65
C HIS B 290 22.58 -1.53 3.14
N LEU B 291 21.87 -2.64 3.28
CA LEU B 291 22.40 -3.89 2.71
C LEU B 291 22.61 -3.77 1.21
N THR B 292 21.65 -3.17 0.49
CA THR B 292 21.80 -3.01 -0.96
C THR B 292 22.99 -2.12 -1.29
N HIS B 293 23.12 -1.00 -0.58
CA HIS B 293 24.21 -0.07 -0.84
C HIS B 293 25.58 -0.74 -0.63
N GLN B 294 25.69 -1.62 0.37
CA GLN B 294 26.95 -2.35 0.57
C GLN B 294 27.24 -3.29 -0.61
N LEU B 295 26.23 -4.05 -1.05
CA LEU B 295 26.45 -4.96 -2.17
C LEU B 295 26.84 -4.21 -3.45
N MET B 296 26.40 -2.95 -3.60
CA MET B 296 26.73 -2.18 -4.80
C MET B 296 28.23 -1.91 -4.94
N SER B 297 29.00 -2.10 -3.87
CA SER B 297 30.44 -1.93 -3.93
C SER B 297 31.15 -3.15 -4.52
N LEU B 298 30.41 -4.20 -4.84
CA LEU B 298 30.95 -5.40 -5.44
C LEU B 298 30.66 -5.46 -6.93
N ALA B 299 31.49 -6.23 -7.65
CA ALA B 299 31.22 -6.58 -9.05
C ALA B 299 31.07 -5.35 -9.94
N ALA B 300 31.82 -4.28 -9.67
CA ALA B 300 31.72 -3.05 -10.45
C ALA B 300 30.27 -2.55 -10.49
N GLY B 301 29.52 -2.84 -9.43
CA GLY B 301 28.14 -2.41 -9.30
C GLY B 301 27.12 -3.29 -9.98
N ARG B 302 27.52 -4.42 -10.56
CA ARG B 302 26.61 -5.26 -11.33
C ARG B 302 25.77 -6.10 -10.37
N VAL B 303 24.61 -5.57 -9.99
CA VAL B 303 23.77 -6.16 -8.95
C VAL B 303 22.36 -6.32 -9.50
N LEU B 304 21.79 -7.52 -9.37
CA LEU B 304 20.41 -7.78 -9.76
C LEU B 304 19.64 -8.22 -8.53
N ILE B 305 18.62 -7.45 -8.16
CA ILE B 305 17.80 -7.74 -6.98
C ILE B 305 16.55 -8.48 -7.43
N ILE B 306 16.37 -9.71 -6.96
CA ILE B 306 15.28 -10.58 -7.39
C ILE B 306 14.32 -10.82 -6.24
N LEU B 307 13.05 -10.46 -6.40
CA LEU B 307 12.08 -10.69 -5.34
C LEU B 307 11.98 -12.18 -5.05
N GLU B 308 12.02 -12.54 -3.75
CA GLU B 308 11.72 -13.89 -3.31
C GLU B 308 10.44 -13.82 -2.48
N GLY B 309 10.53 -14.07 -1.17
CA GLY B 309 9.39 -13.99 -0.28
C GLY B 309 9.17 -12.58 0.25
N GLY B 310 8.37 -12.50 1.30
CA GLY B 310 7.96 -11.23 1.88
C GLY B 310 6.46 -11.05 1.72
N TYR B 311 5.73 -10.93 2.83
CA TYR B 311 4.28 -11.14 2.80
C TYR B 311 3.43 -10.04 3.42
N ASN B 312 4.04 -9.02 4.02
CA ASN B 312 3.30 -7.81 4.40
C ASN B 312 3.37 -6.86 3.21
N LEU B 313 2.23 -6.66 2.54
CA LEU B 313 2.22 -5.89 1.29
C LEU B 313 2.83 -4.51 1.47
N THR B 314 2.51 -3.83 2.56
CA THR B 314 3.10 -2.52 2.82
C THR B 314 4.60 -2.62 3.08
N SER B 315 5.04 -3.60 3.89
CA SER B 315 6.46 -3.71 4.21
C SER B 315 7.29 -4.05 2.98
N ILE B 316 6.83 -4.99 2.15
CA ILE B 316 7.63 -5.37 1.00
C ILE B 316 7.70 -4.23 0.00
N SER B 317 6.61 -3.45 -0.12
CA SER B 317 6.59 -2.35 -1.07
C SER B 317 7.57 -1.27 -0.65
N GLU B 318 7.57 -0.92 0.64
CA GLU B 318 8.54 0.07 1.12
C GLU B 318 9.97 -0.47 1.02
N SER B 319 10.16 -1.73 1.38
CA SER B 319 11.51 -2.26 1.48
C SER B 319 12.14 -2.40 0.10
N MET B 320 11.41 -3.00 -0.86
CA MET B 320 12.01 -3.16 -2.18
C MET B 320 12.20 -1.80 -2.89
N SER B 321 11.27 -0.86 -2.74
CA SER B 321 11.45 0.47 -3.34
CA SER B 321 11.47 0.45 -3.36
C SER B 321 12.69 1.16 -2.79
N MET B 322 12.98 0.97 -1.50
CA MET B 322 14.20 1.52 -0.93
C MET B 322 15.44 0.91 -1.58
N CYS B 323 15.40 -0.38 -1.86
CA CYS B 323 16.53 -1.00 -2.54
C CYS B 323 16.74 -0.39 -3.92
N THR B 324 15.66 -0.18 -4.67
CA THR B 324 15.76 0.44 -5.99
C THR B 324 16.31 1.85 -5.89
N SER B 325 15.86 2.60 -4.88
CA SER B 325 16.42 3.93 -4.64
C SER B 325 17.93 3.86 -4.46
N MET B 326 18.42 2.86 -3.75
CA MET B 326 19.87 2.73 -3.62
C MET B 326 20.54 2.43 -4.96
N LEU B 327 19.95 1.51 -5.74
CA LEU B 327 20.55 1.16 -7.03
C LEU B 327 20.64 2.37 -7.93
N LEU B 328 19.67 3.30 -7.82
CA LEU B 328 19.63 4.52 -8.63
C LEU B 328 20.62 5.57 -8.15
N GLY B 329 21.34 5.30 -7.07
CA GLY B 329 22.38 6.18 -6.59
C GLY B 329 21.99 7.11 -5.47
N ASP B 330 20.80 6.95 -4.90
CA ASP B 330 20.37 7.86 -3.85
C ASP B 330 21.15 7.59 -2.57
N SER B 331 21.28 8.63 -1.75
CA SER B 331 22.09 8.50 -0.54
C SER B 331 21.37 7.59 0.46
N PRO B 332 22.10 6.71 1.15
CA PRO B 332 21.46 5.79 2.11
C PRO B 332 20.72 6.56 3.19
N PRO B 333 19.53 6.12 3.57
CA PRO B 333 18.80 6.80 4.65
C PRO B 333 19.38 6.46 6.01
N SER B 334 19.10 7.33 6.97
CA SER B 334 19.54 7.11 8.34
C SER B 334 18.87 5.87 8.93
N LEU B 335 19.66 5.04 9.59
CA LEU B 335 19.09 3.94 10.34
C LEU B 335 18.54 4.44 11.68
N ASP B 336 17.66 3.64 12.28
CA ASP B 336 17.22 3.87 13.63
C ASP B 336 18.37 3.53 14.59
N HIS B 337 18.18 3.89 15.86
CA HIS B 337 19.17 3.52 16.86
C HIS B 337 19.35 2.01 16.86
N LEU B 338 20.62 1.57 16.79
CA LEU B 338 20.95 0.15 16.75
C LEU B 338 21.19 -0.36 18.16
N THR B 339 20.30 -1.23 18.65
CA THR B 339 20.51 -1.89 19.92
C THR B 339 21.74 -2.79 19.85
N PRO B 340 22.35 -3.11 21.00
CA PRO B 340 23.45 -4.08 20.99
C PRO B 340 22.95 -5.41 20.46
N LEU B 341 23.84 -6.11 19.76
CA LEU B 341 23.51 -7.41 19.18
C LEU B 341 22.90 -8.34 20.22
N LYS B 342 21.81 -9.00 19.83
CA LYS B 342 21.28 -10.05 20.69
C LYS B 342 22.36 -11.10 20.90
N THR B 343 22.39 -11.66 22.10
CA THR B 343 23.46 -12.57 22.50
C THR B 343 23.66 -13.69 21.47
N SER B 344 22.56 -14.34 21.08
CA SER B 344 22.67 -15.47 20.16
C SER B 344 23.17 -15.03 18.80
N ALA B 345 22.93 -13.79 18.39
CA ALA B 345 23.42 -13.34 17.09
C ALA B 345 24.94 -13.26 17.09
N THR B 346 25.53 -12.84 18.20
CA THR B 346 26.99 -12.87 18.32
C THR B 346 27.49 -14.30 18.21
N VAL B 347 26.84 -15.23 18.92
CA VAL B 347 27.21 -16.64 18.84
C VAL B 347 27.15 -17.12 17.39
N SER B 348 26.05 -16.82 16.68
CA SER B 348 25.90 -17.24 15.29
C SER B 348 27.02 -16.71 14.42
N ILE B 349 27.30 -15.42 14.51
CA ILE B 349 28.35 -14.83 13.69
C ILE B 349 29.69 -15.48 13.99
N ASN B 350 29.99 -15.72 15.28
CA ASN B 350 31.26 -16.35 15.65
C ASN B 350 31.33 -17.78 15.17
N ASN B 351 30.20 -18.49 15.16
CA ASN B 351 30.17 -19.86 14.64
C ASN B 351 30.45 -19.89 13.15
N VAL B 352 29.88 -18.94 12.39
CA VAL B 352 30.17 -18.89 10.97
C VAL B 352 31.62 -18.51 10.74
N LEU B 353 32.12 -17.54 11.51
CA LEU B 353 33.52 -17.13 11.36
C LEU B 353 34.47 -18.31 11.53
N ARG B 354 34.21 -19.15 12.52
CA ARG B 354 35.08 -20.30 12.76
C ARG B 354 34.93 -21.33 11.65
N ALA B 355 33.72 -21.49 11.11
CA ALA B 355 33.49 -22.46 10.04
C ALA B 355 34.15 -22.03 8.73
N HIS B 356 34.30 -20.72 8.47
CA HIS B 356 34.79 -20.26 7.19
C HIS B 356 36.19 -19.66 7.22
N ALA B 357 36.75 -19.39 8.39
CA ALA B 357 38.15 -18.99 8.50
C ALA B 357 39.10 -19.95 7.78
N PRO B 358 38.84 -21.26 7.73
CA PRO B 358 39.73 -22.13 6.91
C PRO B 358 39.81 -21.73 5.45
N PHE B 359 38.76 -21.12 4.89
CA PHE B 359 38.67 -20.90 3.45
C PHE B 359 38.86 -19.47 3.03
N TRP B 360 38.66 -18.51 3.92
CA TRP B 360 38.63 -17.11 3.56
C TRP B 360 39.62 -16.37 4.46
N SER B 361 40.75 -15.96 3.89
CA SER B 361 41.82 -15.36 4.71
C SER B 361 41.43 -14.00 5.27
N SER B 362 40.43 -13.33 4.70
CA SER B 362 39.99 -12.06 5.24
C SER B 362 39.28 -12.19 6.57
N LEU B 363 38.92 -13.40 7.00
CA LEU B 363 38.23 -13.61 8.26
C LEU B 363 39.21 -13.81 9.41
#